data_5WDG
#
_entry.id   5WDG
#
_cell.length_a   85.470
_cell.length_b   134.410
_cell.length_c   110.745
_cell.angle_alpha   90.000
_cell.angle_beta   95.450
_cell.angle_gamma   90.000
#
_symmetry.space_group_name_H-M   'I 1 2 1'
#
loop_
_entity.id
_entity.type
_entity.pdbx_description
1 polymer 'Acetolactate synthase, catabolic'
2 non-polymer 'MAGNESIUM ION'
3 non-polymer 'PHOSPHATE ION'
4 non-polymer '(2S,3S)-2,3-dihydroxy-3-[(7S,8R,9aS)-8-(2-{[(R)-hydroxy(phosphonooxy)phosphoryl]oxy}ethyl)-2,7-dimethyl-5,7,8,10-tetrahydro-9aH-pyrimido[4,5-d][1,3]thiazolo[3,2-a]pyrimidin-9a-yl]-2-methylbutanoic acid'
5 non-polymer 'PYRUVIC ACID'
6 water water
#
_entity_poly.entity_id   1
_entity_poly.type   'polypeptide(L)'
_entity_poly.pdbx_seq_one_letter_code
;MGSSHHHHHHSSGLVPRGSHMDKQYPVRQWAHGADLVVSQLEAQGVRQVFGIPGAKIDKVFDSLLDSSIRIIPVRHEANA
AFMAAAVGRITGKAGVALVTSGPGCSNLITGMATANSEGDPVVALGGAVKRADKAKQVHQSMDTVAMFSPVTKYAIEVTA
PDALAEVVSNAFRAAEQGRPGSAFVSLPQDVVDGPVSGKVLPASGAPQMGAAPDDAIDQVAKLIAQAKNPIFLLGLMASQ
PENSKALRRLLETSHIPVTSTYQAAGAVNQDNFSRFAGRVGLFNNQAGDRLLQLADLVICIGYSPVEYEPAMWNSGNATL
VHIDVLPAYEERNYTPDVELVGDIAGTLNKLAQNIDHRLVLSPQAAEILRDRQHQRELLDRRGAQLNQFALHPLRIVRAM
QDIVNSDVTLTVDMGSFHIWIARYLYSFRARQVMISNGQQTMGVALPWAIGAWLVNPERKVVSVSGDGGFLQSSMELETA
VRLKANVLHLIWVDNGYNMVAIQEEKKYQRLSGVEFGPMDFKAYAESFGAKGFAVESAEALEPTLRAAMDVDGPAVVAIP
VDYRDNPLLMGQLHLSQIL
;
_entity_poly.pdbx_strand_id   A,B
#
loop_
_chem_comp.id
_chem_comp.type
_chem_comp.name
_chem_comp.formula
A4Y non-polymer '(2S,3S)-2,3-dihydroxy-3-[(7S,8R,9aS)-8-(2-{[(R)-hydroxy(phosphonooxy)phosphoryl]oxy}ethyl)-2,7-dimethyl-5,7,8,10-tetrahydro-9aH-pyrimido[4,5-d][1,3]thiazolo[3,2-a]pyrimidin-9a-yl]-2-methylbutanoic acid' 'C17 H28 N4 O11 P2 S'
MG non-polymer 'MAGNESIUM ION' 'Mg 2'
PO4 non-polymer 'PHOSPHATE ION' 'O4 P -3'
PYR non-polymer 'PYRUVIC ACID' 'C3 H4 O3'
#
# COMPACT_ATOMS: atom_id res chain seq x y z
N PRO A 26 24.69 -18.22 -26.47
CA PRO A 26 24.38 -19.64 -26.65
C PRO A 26 23.82 -20.29 -25.39
N VAL A 27 23.01 -21.34 -25.56
CA VAL A 27 22.46 -22.05 -24.42
C VAL A 27 23.51 -23.01 -23.88
N ARG A 28 23.68 -22.99 -22.55
CA ARG A 28 24.70 -23.78 -21.88
C ARG A 28 24.09 -24.47 -20.67
N GLN A 29 24.67 -25.60 -20.29
CA GLN A 29 24.23 -26.37 -19.13
C GLN A 29 25.09 -25.95 -17.94
N TRP A 30 24.59 -24.98 -17.17
CA TRP A 30 25.33 -24.41 -16.07
C TRP A 30 25.24 -25.31 -14.85
N ALA A 31 26.38 -25.57 -14.21
CA ALA A 31 26.38 -26.38 -13.00
C ALA A 31 25.68 -25.68 -11.84
N HIS A 32 25.81 -24.35 -11.77
CA HIS A 32 25.21 -23.57 -10.70
C HIS A 32 24.64 -22.29 -11.28
N GLY A 33 23.42 -21.94 -10.88
CA GLY A 33 22.82 -20.70 -11.33
C GLY A 33 23.74 -19.51 -11.16
N ALA A 34 24.58 -19.52 -10.12
CA ALA A 34 25.53 -18.44 -9.92
C ALA A 34 26.46 -18.27 -11.12
N ASP A 35 26.81 -19.37 -11.80
CA ASP A 35 27.66 -19.27 -12.97
C ASP A 35 26.99 -18.47 -14.08
N LEU A 36 25.69 -18.72 -14.32
CA LEU A 36 24.96 -17.95 -15.32
C LEU A 36 24.85 -16.49 -14.91
N VAL A 37 24.62 -16.22 -13.63
CA VAL A 37 24.53 -14.84 -13.14
C VAL A 37 25.84 -14.10 -13.45
N VAL A 38 26.97 -14.74 -13.15
CA VAL A 38 28.26 -14.07 -13.34
C VAL A 38 28.54 -13.84 -14.81
N SER A 39 28.21 -14.81 -15.66
CA SER A 39 28.40 -14.62 -17.09
C SER A 39 27.54 -13.47 -17.61
N GLN A 40 26.31 -13.36 -17.10
CA GLN A 40 25.45 -12.25 -17.49
C GLN A 40 26.06 -10.92 -17.06
N LEU A 41 26.62 -10.86 -15.86
CA LEU A 41 27.28 -9.64 -15.40
C LEU A 41 28.44 -9.28 -16.32
N GLU A 42 29.25 -10.27 -16.71
CA GLU A 42 30.34 -10.02 -17.63
C GLU A 42 29.82 -9.43 -18.94
N ALA A 43 28.72 -9.98 -19.46
CA ALA A 43 28.12 -9.45 -20.68
C ALA A 43 27.69 -7.99 -20.50
N GLN A 44 27.34 -7.60 -19.28
CA GLN A 44 26.93 -6.23 -19.00
C GLN A 44 28.13 -5.28 -18.87
N GLY A 45 29.35 -5.80 -18.87
CA GLY A 45 30.52 -4.96 -18.69
C GLY A 45 30.83 -4.63 -17.25
N VAL A 46 30.31 -5.40 -16.30
CA VAL A 46 30.57 -5.14 -14.89
C VAL A 46 32.04 -5.38 -14.61
N ARG A 47 32.71 -4.38 -14.04
CA ARG A 47 34.12 -4.47 -13.70
C ARG A 47 34.37 -4.84 -12.26
N GLN A 48 33.47 -4.48 -11.34
CA GLN A 48 33.60 -4.85 -9.94
C GLN A 48 32.21 -4.99 -9.33
N VAL A 49 32.18 -5.59 -8.14
CA VAL A 49 30.97 -5.77 -7.36
C VAL A 49 31.27 -5.35 -5.93
N PHE A 50 30.38 -4.55 -5.34
CA PHE A 50 30.50 -4.11 -3.95
C PHE A 50 29.48 -4.86 -3.10
N GLY A 51 29.89 -5.26 -1.90
CA GLY A 51 28.92 -5.85 -0.98
C GLY A 51 29.61 -6.67 0.10
N ILE A 52 28.80 -7.53 0.72
CA ILE A 52 29.21 -8.35 1.85
C ILE A 52 28.64 -9.75 1.65
N PRO A 53 29.43 -10.82 1.78
CA PRO A 53 28.92 -12.16 1.48
C PRO A 53 28.12 -12.75 2.63
N GLY A 54 27.40 -13.82 2.31
CA GLY A 54 26.61 -14.56 3.28
C GLY A 54 26.25 -15.92 2.73
N ALA A 55 25.68 -16.74 3.61
CA ALA A 55 25.42 -18.14 3.27
C ALA A 55 24.52 -18.27 2.04
N LYS A 56 23.45 -17.48 1.99
CA LYS A 56 22.50 -17.63 0.89
C LYS A 56 23.10 -17.22 -0.45
N ILE A 57 24.08 -16.31 -0.45
CA ILE A 57 24.59 -15.72 -1.67
C ILE A 57 26.07 -15.99 -1.89
N ASP A 58 26.71 -16.77 -1.01
CA ASP A 58 28.16 -16.95 -1.14
C ASP A 58 28.56 -17.66 -2.42
N LYS A 59 27.62 -18.34 -3.08
CA LYS A 59 27.94 -19.01 -4.33
C LYS A 59 28.18 -18.02 -5.46
N VAL A 60 27.46 -16.89 -5.46
CA VAL A 60 27.73 -15.86 -6.45
C VAL A 60 29.09 -15.24 -6.18
N PHE A 61 29.42 -14.99 -4.92
CA PHE A 61 30.78 -14.60 -4.56
C PHE A 61 31.78 -15.66 -5.03
N ASP A 62 31.45 -16.93 -4.84
CA ASP A 62 32.35 -18.01 -5.25
C ASP A 62 32.54 -18.01 -6.76
N SER A 63 31.44 -17.92 -7.51
CA SER A 63 31.53 -17.93 -8.97
C SER A 63 32.32 -16.75 -9.49
N LEU A 64 32.29 -15.62 -8.78
CA LEU A 64 33.04 -14.44 -9.22
C LEU A 64 34.54 -14.65 -9.16
N LEU A 65 35.01 -15.67 -8.42
CA LEU A 65 36.44 -15.98 -8.42
C LEU A 65 36.90 -16.43 -9.80
N ASP A 66 36.05 -17.19 -10.50
CA ASP A 66 36.36 -17.65 -11.85
C ASP A 66 36.07 -16.60 -12.91
N SER A 67 35.91 -15.35 -12.52
CA SER A 67 35.54 -14.26 -13.42
C SER A 67 36.58 -13.15 -13.37
N SER A 68 36.61 -12.35 -14.43
CA SER A 68 37.41 -11.14 -14.45
C SER A 68 36.85 -10.05 -13.54
N ILE A 69 35.61 -10.20 -13.07
CA ILE A 69 34.99 -9.19 -12.23
C ILE A 69 35.68 -9.17 -10.87
N ARG A 70 35.92 -7.96 -10.37
CA ARG A 70 36.64 -7.76 -9.11
C ARG A 70 35.66 -7.69 -7.95
N ILE A 71 35.95 -8.44 -6.90
CA ILE A 71 35.13 -8.42 -5.67
C ILE A 71 35.71 -7.36 -4.74
N ILE A 72 34.87 -6.42 -4.33
CA ILE A 72 35.25 -5.36 -3.41
C ILE A 72 34.38 -5.48 -2.17
N PRO A 73 34.88 -6.12 -1.11
CA PRO A 73 34.11 -6.17 0.15
C PRO A 73 34.02 -4.79 0.78
N VAL A 74 32.81 -4.41 1.19
CA VAL A 74 32.59 -3.20 1.95
C VAL A 74 32.29 -3.59 3.40
N ARG A 75 32.21 -2.58 4.27
CA ARG A 75 32.00 -2.81 5.68
C ARG A 75 30.55 -2.57 6.12
N HIS A 76 29.74 -1.95 5.27
CA HIS A 76 28.31 -1.83 5.51
C HIS A 76 27.60 -1.81 4.16
N GLU A 77 26.56 -2.63 4.02
CA GLU A 77 25.92 -2.80 2.72
C GLU A 77 25.46 -1.47 2.14
N ALA A 78 24.96 -0.57 2.99
CA ALA A 78 24.46 0.71 2.51
C ALA A 78 25.49 1.40 1.61
N ASN A 79 26.77 1.30 1.97
CA ASN A 79 27.83 1.95 1.20
C ASN A 79 28.12 1.23 -0.11
N ALA A 80 27.76 -0.04 -0.22
CA ALA A 80 27.86 -0.71 -1.52
C ALA A 80 26.94 -0.05 -2.54
N ALA A 81 25.73 0.32 -2.12
CA ALA A 81 24.81 1.03 -3.00
C ALA A 81 25.32 2.41 -3.36
N PHE A 82 25.99 3.08 -2.41
CA PHE A 82 26.55 4.39 -2.70
C PHE A 82 27.70 4.30 -3.70
N MET A 83 28.65 3.40 -3.45
CA MET A 83 29.74 3.19 -4.40
C MET A 83 29.21 2.79 -5.77
N ALA A 84 28.23 1.89 -5.80
CA ALA A 84 27.65 1.44 -7.06
C ALA A 84 27.05 2.61 -7.83
N ALA A 85 26.38 3.52 -7.13
CA ALA A 85 25.75 4.66 -7.79
C ALA A 85 26.79 5.55 -8.47
N ALA A 86 27.92 5.79 -7.81
CA ALA A 86 28.97 6.60 -8.41
C ALA A 86 29.47 5.96 -9.70
N VAL A 87 29.71 4.65 -9.68
CA VAL A 87 30.09 3.93 -10.89
C VAL A 87 29.02 4.11 -11.96
N GLY A 88 27.75 4.02 -11.58
CA GLY A 88 26.68 4.15 -12.54
C GLY A 88 26.60 5.54 -13.16
N ARG A 89 26.75 6.58 -12.33
CA ARG A 89 26.63 7.94 -12.85
C ARG A 89 27.73 8.25 -13.85
N ILE A 90 28.95 7.81 -13.58
CA ILE A 90 30.08 8.16 -14.43
C ILE A 90 30.05 7.35 -15.72
N THR A 91 29.88 6.03 -15.62
CA THR A 91 30.00 5.15 -16.77
C THR A 91 28.72 5.01 -17.57
N GLY A 92 27.55 5.26 -16.96
CA GLY A 92 26.29 5.03 -17.63
C GLY A 92 25.82 3.59 -17.60
N LYS A 93 26.68 2.65 -17.19
CA LYS A 93 26.28 1.27 -16.96
C LYS A 93 26.17 1.04 -15.46
N ALA A 94 25.21 0.21 -15.07
CA ALA A 94 24.82 0.12 -13.67
C ALA A 94 25.97 -0.40 -12.81
N GLY A 95 26.21 0.28 -11.69
CA GLY A 95 27.02 -0.31 -10.64
C GLY A 95 26.26 -1.43 -9.94
N VAL A 96 27.01 -2.39 -9.40
CA VAL A 96 26.43 -3.63 -8.90
C VAL A 96 26.74 -3.76 -7.42
N ALA A 97 25.70 -3.99 -6.62
CA ALA A 97 25.84 -4.37 -5.22
C ALA A 97 25.43 -5.82 -5.06
N LEU A 98 26.11 -6.54 -4.17
CA LEU A 98 25.87 -7.97 -3.96
C LEU A 98 25.84 -8.22 -2.45
N VAL A 99 24.68 -8.59 -1.93
CA VAL A 99 24.47 -8.77 -0.50
C VAL A 99 23.75 -10.09 -0.27
N THR A 100 23.75 -10.52 0.98
CA THR A 100 23.04 -11.73 1.37
C THR A 100 21.63 -11.40 1.83
N SER A 101 20.88 -12.43 2.22
CA SER A 101 19.49 -12.27 2.58
C SER A 101 19.36 -11.58 3.94
N GLY A 102 18.11 -11.28 4.30
CA GLY A 102 17.80 -10.68 5.58
C GLY A 102 18.38 -9.28 5.72
N PRO A 103 19.11 -9.03 6.81
CA PRO A 103 19.64 -7.67 7.01
C PRO A 103 20.63 -7.24 5.94
N GLY A 104 21.22 -8.19 5.20
CA GLY A 104 22.04 -7.81 4.06
C GLY A 104 21.26 -7.00 3.04
N CYS A 105 20.01 -7.38 2.79
CA CYS A 105 19.17 -6.64 1.86
C CYS A 105 18.64 -5.35 2.49
N SER A 106 18.09 -5.43 3.70
CA SER A 106 17.48 -4.25 4.30
C SER A 106 18.50 -3.15 4.57
N ASN A 107 19.78 -3.50 4.73
CA ASN A 107 20.82 -2.49 4.88
C ASN A 107 21.07 -1.71 3.59
N LEU A 108 20.51 -2.14 2.46
CA LEU A 108 20.70 -1.46 1.18
C LEU A 108 19.66 -0.39 0.91
N ILE A 109 18.55 -0.38 1.64
CA ILE A 109 17.36 0.34 1.19
C ILE A 109 17.64 1.83 1.06
N THR A 110 18.31 2.42 2.05
CA THR A 110 18.62 3.85 1.96
C THR A 110 19.49 4.16 0.75
N GLY A 111 20.51 3.33 0.52
CA GLY A 111 21.37 3.55 -0.62
C GLY A 111 20.64 3.41 -1.95
N MET A 112 19.77 2.39 -2.05
CA MET A 112 19.00 2.20 -3.27
C MET A 112 18.02 3.34 -3.50
N ALA A 113 17.44 3.88 -2.42
CA ALA A 113 16.55 5.03 -2.56
C ALA A 113 17.31 6.25 -3.05
N THR A 114 18.50 6.49 -2.52
CA THR A 114 19.30 7.62 -2.95
C THR A 114 19.67 7.51 -4.42
N ALA A 115 20.03 6.30 -4.87
CA ALA A 115 20.38 6.10 -6.26
C ALA A 115 19.18 6.35 -7.17
N ASN A 116 18.02 5.81 -6.80
CA ASN A 116 16.83 5.99 -7.62
C ASN A 116 16.43 7.46 -7.73
N SER A 117 16.54 8.20 -6.62
CA SER A 117 16.15 9.61 -6.63
C SER A 117 17.04 10.43 -7.53
N GLU A 118 18.35 10.15 -7.55
CA GLU A 118 19.30 10.92 -8.33
C GLU A 118 19.43 10.41 -9.77
N GLY A 119 18.78 9.30 -10.11
CA GLY A 119 18.89 8.76 -11.44
C GLY A 119 20.17 8.02 -11.72
N ASP A 120 20.76 7.41 -10.69
CA ASP A 120 22.00 6.65 -10.86
C ASP A 120 21.67 5.19 -11.13
N PRO A 121 22.13 4.60 -12.24
CA PRO A 121 21.81 3.19 -12.51
C PRO A 121 22.54 2.27 -11.54
N VAL A 122 21.77 1.46 -10.82
CA VAL A 122 22.30 0.54 -9.82
C VAL A 122 21.51 -0.76 -9.89
N VAL A 123 22.23 -1.89 -9.92
CA VAL A 123 21.63 -3.21 -9.81
C VAL A 123 22.11 -3.82 -8.50
N ALA A 124 21.17 -4.20 -7.64
CA ALA A 124 21.48 -4.87 -6.39
C ALA A 124 21.03 -6.32 -6.50
N LEU A 125 21.97 -7.23 -6.28
CA LEU A 125 21.67 -8.67 -6.25
C LEU A 125 21.67 -9.09 -4.78
N GLY A 126 20.50 -9.44 -4.28
CA GLY A 126 20.32 -9.79 -2.88
C GLY A 126 19.93 -11.25 -2.73
N GLY A 127 20.61 -11.93 -1.81
CA GLY A 127 20.28 -13.31 -1.53
C GLY A 127 18.93 -13.46 -0.85
N ALA A 128 18.42 -14.69 -0.87
CA ALA A 128 17.15 -15.00 -0.24
C ALA A 128 17.17 -16.47 0.19
N VAL A 129 16.29 -16.80 1.14
CA VAL A 129 16.19 -18.18 1.59
C VAL A 129 15.76 -19.06 0.42
N LYS A 130 15.98 -20.38 0.58
CA LYS A 130 15.51 -21.33 -0.40
C LYS A 130 14.03 -21.12 -0.68
N ARG A 131 13.62 -21.43 -1.91
CA ARG A 131 12.22 -21.25 -2.28
C ARG A 131 11.31 -22.08 -1.38
N ALA A 132 11.75 -23.29 -1.01
CA ALA A 132 10.92 -24.16 -0.17
C ALA A 132 10.71 -23.57 1.21
N ASP A 133 11.63 -22.73 1.68
CA ASP A 133 11.55 -22.16 3.02
C ASP A 133 10.77 -20.85 3.06
N LYS A 134 10.26 -20.37 1.92
CA LYS A 134 9.49 -19.13 1.89
C LYS A 134 8.02 -19.42 2.15
N MET A 142 11.81 -12.48 5.01
CA MET A 142 11.70 -11.04 4.81
C MET A 142 11.30 -10.75 3.36
N ASP A 143 10.16 -10.09 3.18
CA ASP A 143 9.63 -9.77 1.86
C ASP A 143 10.40 -8.56 1.31
N THR A 144 11.58 -8.86 0.74
CA THR A 144 12.46 -7.78 0.28
C THR A 144 11.88 -7.07 -0.94
N VAL A 145 11.24 -7.81 -1.85
CA VAL A 145 10.67 -7.18 -3.03
C VAL A 145 9.66 -6.12 -2.64
N ALA A 146 8.79 -6.42 -1.66
CA ALA A 146 7.83 -5.43 -1.19
C ALA A 146 8.53 -4.24 -0.56
N MET A 147 9.68 -4.45 0.07
CA MET A 147 10.39 -3.37 0.73
C MET A 147 11.14 -2.48 -0.25
N PHE A 148 11.67 -3.05 -1.33
CA PHE A 148 12.43 -2.29 -2.31
C PHE A 148 11.57 -1.64 -3.38
N SER A 149 10.35 -2.13 -3.62
CA SER A 149 9.50 -1.56 -4.65
C SER A 149 9.34 -0.05 -4.55
N PRO A 150 9.08 0.53 -3.36
CA PRO A 150 8.86 1.98 -3.30
C PRO A 150 10.10 2.83 -3.57
N VAL A 151 11.29 2.23 -3.63
CA VAL A 151 12.52 3.01 -3.76
C VAL A 151 13.37 2.51 -4.91
N THR A 152 12.76 1.78 -5.85
CA THR A 152 13.47 1.28 -7.01
C THR A 152 12.60 1.44 -8.26
N LYS A 153 13.28 1.49 -9.40
CA LYS A 153 12.62 1.37 -10.70
C LYS A 153 12.12 -0.04 -10.96
N TYR A 154 12.72 -1.04 -10.30
CA TYR A 154 12.54 -2.43 -10.68
C TYR A 154 12.91 -3.30 -9.48
N ALA A 155 11.98 -4.18 -9.09
CA ALA A 155 12.23 -5.10 -7.98
C ALA A 155 11.50 -6.41 -8.27
N ILE A 156 12.24 -7.52 -8.24
CA ILE A 156 11.68 -8.82 -8.57
C ILE A 156 12.49 -9.91 -7.89
N GLU A 157 11.87 -11.06 -7.68
CA GLU A 157 12.52 -12.24 -7.14
C GLU A 157 12.50 -13.34 -8.19
N VAL A 158 13.62 -14.03 -8.35
CA VAL A 158 13.73 -15.12 -9.33
C VAL A 158 13.15 -16.37 -8.68
N THR A 159 11.94 -16.76 -9.11
CA THR A 159 11.29 -17.96 -8.60
C THR A 159 11.43 -19.16 -9.52
N ALA A 160 11.71 -18.94 -10.80
CA ALA A 160 11.94 -20.01 -11.75
C ALA A 160 13.40 -19.99 -12.18
N PRO A 161 14.18 -21.06 -11.98
CA PRO A 161 15.60 -21.00 -12.36
C PRO A 161 15.83 -20.73 -13.84
N ASP A 162 14.84 -21.01 -14.70
CA ASP A 162 15.02 -20.78 -16.13
C ASP A 162 15.14 -19.29 -16.45
N ALA A 163 14.41 -18.44 -15.72
CA ALA A 163 14.38 -17.00 -15.99
C ALA A 163 15.53 -16.25 -15.33
N LEU A 164 16.59 -16.94 -14.90
CA LEU A 164 17.65 -16.28 -14.14
C LEU A 164 18.30 -15.16 -14.95
N ALA A 165 18.83 -15.50 -16.13
CA ALA A 165 19.48 -14.47 -16.95
C ALA A 165 18.47 -13.44 -17.44
N GLU A 166 17.24 -13.85 -17.71
CA GLU A 166 16.20 -12.89 -18.10
C GLU A 166 16.04 -11.81 -17.06
N VAL A 167 15.92 -12.20 -15.79
CA VAL A 167 15.67 -11.24 -14.72
C VAL A 167 16.87 -10.31 -14.54
N VAL A 168 18.08 -10.86 -14.56
CA VAL A 168 19.26 -10.02 -14.40
C VAL A 168 19.37 -9.04 -15.56
N SER A 169 19.18 -9.52 -16.78
CA SER A 169 19.24 -8.64 -17.94
C SER A 169 18.19 -7.55 -17.84
N ASN A 170 16.96 -7.92 -17.49
CA ASN A 170 15.90 -6.92 -17.37
C ASN A 170 16.20 -5.92 -16.25
N ALA A 171 16.92 -6.36 -15.21
CA ALA A 171 17.29 -5.44 -14.14
C ALA A 171 18.25 -4.36 -14.64
N PHE A 172 19.27 -4.77 -15.39
CA PHE A 172 20.19 -3.80 -15.98
C PHE A 172 19.47 -2.91 -16.98
N ARG A 173 18.55 -3.48 -17.77
CA ARG A 173 17.77 -2.68 -18.71
C ARG A 173 16.93 -1.65 -17.98
N ALA A 174 16.27 -2.06 -16.88
CA ALA A 174 15.46 -1.11 -16.12
C ALA A 174 16.32 -0.02 -15.50
N ALA A 175 17.51 -0.37 -15.02
CA ALA A 175 18.35 0.60 -14.32
C ALA A 175 18.98 1.59 -15.29
N GLU A 176 19.39 1.12 -16.47
CA GLU A 176 20.19 1.94 -17.38
C GLU A 176 19.36 2.66 -18.43
N GLN A 177 18.20 2.12 -18.81
CA GLN A 177 17.43 2.68 -19.91
C GLN A 177 16.50 3.78 -19.41
N GLY A 178 15.99 4.56 -20.36
CA GLY A 178 15.11 5.67 -20.02
C GLY A 178 15.79 6.61 -19.04
N ARG A 179 15.02 7.07 -18.06
CA ARG A 179 15.60 7.81 -16.94
C ARG A 179 16.19 6.80 -15.97
N PRO A 180 17.51 6.71 -15.83
CA PRO A 180 18.11 5.63 -15.06
C PRO A 180 17.62 5.60 -13.61
N GLY A 181 17.77 4.43 -12.99
CA GLY A 181 17.37 4.26 -11.61
C GLY A 181 17.95 2.98 -11.06
N SER A 182 17.56 2.67 -9.83
CA SER A 182 18.06 1.48 -9.15
C SER A 182 17.11 0.31 -9.36
N ALA A 183 17.68 -0.90 -9.33
CA ALA A 183 16.92 -2.12 -9.55
C ALA A 183 17.39 -3.19 -8.57
N PHE A 184 16.45 -3.99 -8.06
CA PHE A 184 16.73 -5.01 -7.07
C PHE A 184 16.30 -6.37 -7.59
N VAL A 185 17.16 -7.37 -7.41
CA VAL A 185 16.85 -8.75 -7.77
C VAL A 185 17.10 -9.63 -6.54
N SER A 186 16.09 -10.38 -6.15
CA SER A 186 16.22 -11.33 -5.05
C SER A 186 16.54 -12.71 -5.62
N LEU A 187 17.62 -13.32 -5.13
CA LEU A 187 18.11 -14.59 -5.64
C LEU A 187 17.99 -15.68 -4.59
N PRO A 188 16.97 -16.55 -4.65
CA PRO A 188 16.87 -17.63 -3.67
C PRO A 188 18.12 -18.51 -3.67
N GLN A 189 18.45 -19.02 -2.48
CA GLN A 189 19.68 -19.79 -2.32
C GLN A 189 19.70 -21.00 -3.25
N ASP A 190 18.59 -21.73 -3.33
CA ASP A 190 18.56 -22.95 -4.14
C ASP A 190 18.65 -22.64 -5.63
N VAL A 191 18.24 -21.45 -6.06
CA VAL A 191 18.29 -21.10 -7.48
C VAL A 191 19.73 -20.89 -7.92
N VAL A 192 20.53 -20.18 -7.11
CA VAL A 192 21.91 -19.91 -7.49
C VAL A 192 22.83 -21.09 -7.24
N ASP A 193 22.45 -22.02 -6.36
CA ASP A 193 23.27 -23.20 -6.09
C ASP A 193 22.98 -24.34 -7.06
N GLY A 194 21.73 -24.52 -7.46
CA GLY A 194 21.35 -25.63 -8.30
C GLY A 194 21.63 -25.36 -9.77
N PRO A 195 21.48 -26.41 -10.57
CA PRO A 195 21.75 -26.27 -12.01
C PRO A 195 20.62 -25.55 -12.72
N VAL A 196 20.98 -24.89 -13.82
CA VAL A 196 20.04 -24.13 -14.63
C VAL A 196 20.36 -24.36 -16.11
N SER A 197 19.33 -24.20 -16.94
CA SER A 197 19.47 -24.31 -18.39
C SER A 197 19.05 -22.99 -19.00
N GLY A 198 20.00 -22.26 -19.56
CA GLY A 198 19.72 -20.97 -20.16
C GLY A 198 20.95 -20.43 -20.86
N LYS A 199 20.79 -19.23 -21.42
CA LYS A 199 21.86 -18.58 -22.18
C LYS A 199 22.00 -17.14 -21.71
N VAL A 200 23.20 -16.60 -21.90
CA VAL A 200 23.45 -15.19 -21.63
C VAL A 200 22.67 -14.34 -22.62
N LEU A 201 22.18 -13.20 -22.16
CA LEU A 201 21.49 -12.25 -23.02
C LEU A 201 22.42 -11.08 -23.31
N PRO A 202 22.89 -10.89 -24.55
CA PRO A 202 23.82 -9.79 -24.82
C PRO A 202 23.22 -8.44 -24.47
N ALA A 203 24.08 -7.49 -24.15
CA ALA A 203 23.66 -6.14 -23.81
C ALA A 203 23.16 -5.41 -25.06
N GLN A 208 17.97 2.49 -27.24
CA GLN A 208 18.46 3.12 -28.46
C GLN A 208 17.31 3.74 -29.25
N MET A 209 17.23 5.07 -29.21
CA MET A 209 16.16 5.82 -29.85
C MET A 209 16.71 6.67 -31.00
N GLY A 210 15.78 7.12 -31.84
CA GLY A 210 16.09 8.07 -32.89
C GLY A 210 15.73 9.49 -32.49
N ALA A 211 16.31 10.45 -33.20
CA ALA A 211 16.03 11.85 -32.93
C ALA A 211 14.55 12.14 -33.15
N ALA A 212 14.08 13.22 -32.55
CA ALA A 212 12.71 13.66 -32.72
C ALA A 212 12.41 13.90 -34.20
N PRO A 213 11.14 13.78 -34.61
CA PRO A 213 10.79 13.95 -36.02
C PRO A 213 11.10 15.35 -36.52
N ASP A 214 11.46 15.44 -37.80
CA ASP A 214 11.84 16.72 -38.38
C ASP A 214 10.70 17.74 -38.28
N ASP A 215 9.47 17.32 -38.58
CA ASP A 215 8.33 18.22 -38.49
C ASP A 215 8.19 18.81 -37.10
N ALA A 216 8.65 18.08 -36.08
CA ALA A 216 8.55 18.59 -34.71
C ALA A 216 9.70 19.52 -34.36
N ILE A 217 10.87 19.35 -34.98
CA ILE A 217 11.97 20.26 -34.72
C ILE A 217 11.81 21.56 -35.48
N ASP A 218 11.21 21.52 -36.68
CA ASP A 218 10.85 22.76 -37.36
C ASP A 218 9.85 23.54 -36.53
N GLN A 219 8.93 22.85 -35.87
CA GLN A 219 7.95 23.51 -35.01
C GLN A 219 8.64 24.26 -33.86
N VAL A 220 9.64 23.63 -33.23
CA VAL A 220 10.32 24.25 -32.10
C VAL A 220 11.22 25.39 -32.58
N ALA A 221 11.89 25.20 -33.72
CA ALA A 221 12.76 26.25 -34.24
C ALA A 221 11.98 27.53 -34.53
N LYS A 222 10.75 27.39 -35.03
CA LYS A 222 9.92 28.56 -35.28
C LYS A 222 9.52 29.27 -33.98
N LEU A 223 9.38 28.51 -32.88
CA LEU A 223 9.04 29.14 -31.61
C LEU A 223 10.20 29.93 -31.04
N ILE A 224 11.43 29.42 -31.23
CA ILE A 224 12.61 30.14 -30.73
C ILE A 224 12.75 31.49 -31.43
N ALA A 225 12.51 31.53 -32.74
CA ALA A 225 12.60 32.78 -33.47
C ALA A 225 11.62 33.81 -32.94
N GLN A 226 10.33 33.44 -32.89
CA GLN A 226 9.31 34.36 -32.38
C GLN A 226 9.54 34.76 -30.93
N ALA A 227 10.37 34.01 -30.19
CA ALA A 227 10.57 34.26 -28.78
C ALA A 227 11.54 35.41 -28.56
N LYS A 228 11.36 36.11 -27.43
CA LYS A 228 12.23 37.21 -27.05
C LYS A 228 12.87 37.05 -25.68
N ASN A 229 12.39 36.12 -24.85
CA ASN A 229 13.04 35.79 -23.58
C ASN A 229 13.09 34.28 -23.42
N PRO A 230 13.70 33.58 -24.37
CA PRO A 230 13.82 32.13 -24.24
C PRO A 230 14.87 31.76 -23.22
N ILE A 231 14.71 30.57 -22.64
CA ILE A 231 15.68 30.04 -21.69
C ILE A 231 15.59 28.51 -21.69
N PHE A 232 16.74 27.88 -21.54
CA PHE A 232 16.80 26.42 -21.40
C PHE A 232 16.80 26.06 -19.93
N LEU A 233 15.97 25.08 -19.56
CA LEU A 233 15.98 24.50 -18.23
C LEU A 233 16.47 23.06 -18.36
N LEU A 234 17.69 22.80 -17.92
CA LEU A 234 18.33 21.51 -18.11
C LEU A 234 18.05 20.60 -16.92
N GLY A 235 17.66 19.36 -17.22
CA GLY A 235 17.45 18.34 -16.22
C GLY A 235 18.48 17.22 -16.29
N LEU A 236 18.22 16.16 -15.53
CA LEU A 236 19.18 15.08 -15.36
C LEU A 236 19.78 14.64 -16.69
N MET A 237 18.93 14.32 -17.67
CA MET A 237 19.42 13.70 -18.89
C MET A 237 20.28 14.64 -19.72
N ALA A 238 20.13 15.95 -19.56
CA ALA A 238 21.00 16.88 -20.27
C ALA A 238 22.45 16.76 -19.82
N SER A 239 22.70 16.16 -18.66
CA SER A 239 24.04 16.01 -18.11
C SER A 239 24.70 14.70 -18.51
N GLN A 240 24.03 13.86 -19.29
CA GLN A 240 24.65 12.61 -19.71
C GLN A 240 25.73 12.89 -20.76
N PRO A 241 26.81 12.10 -20.78
CA PRO A 241 27.91 12.39 -21.71
C PRO A 241 27.50 12.29 -23.17
N GLU A 242 26.51 11.48 -23.51
CA GLU A 242 26.08 11.36 -24.90
C GLU A 242 25.56 12.67 -25.46
N ASN A 243 25.10 13.58 -24.59
CA ASN A 243 24.49 14.83 -25.02
C ASN A 243 25.38 16.04 -24.84
N SER A 244 26.63 15.85 -24.39
CA SER A 244 27.50 16.98 -24.13
C SER A 244 27.78 17.76 -25.41
N LYS A 245 28.27 17.08 -26.45
CA LYS A 245 28.60 17.76 -27.69
C LYS A 245 27.38 18.41 -28.31
N ALA A 246 26.26 17.68 -28.38
CA ALA A 246 25.05 18.22 -28.97
C ALA A 246 24.55 19.43 -28.19
N LEU A 247 24.60 19.37 -26.86
CA LEU A 247 24.15 20.49 -26.05
C LEU A 247 24.99 21.73 -26.29
N ARG A 248 26.31 21.57 -26.36
CA ARG A 248 27.19 22.72 -26.61
C ARG A 248 26.90 23.35 -27.96
N ARG A 249 26.69 22.52 -28.98
CA ARG A 249 26.38 23.06 -30.30
C ARG A 249 25.07 23.84 -30.30
N LEU A 250 24.09 23.38 -29.51
CA LEU A 250 22.81 24.08 -29.45
C LEU A 250 22.96 25.42 -28.73
N LEU A 251 23.79 25.48 -27.69
CA LEU A 251 23.98 26.72 -26.97
C LEU A 251 24.78 27.73 -27.78
N GLU A 252 25.69 27.26 -28.64
CA GLU A 252 26.51 28.17 -29.42
C GLU A 252 25.74 28.81 -30.57
N THR A 253 24.89 28.03 -31.24
CA THR A 253 24.12 28.56 -32.36
C THR A 253 22.94 29.40 -31.89
N SER A 254 22.42 29.15 -30.69
CA SER A 254 21.27 29.88 -30.18
C SER A 254 21.63 30.99 -29.20
N HIS A 255 22.68 30.81 -28.39
CA HIS A 255 23.06 31.77 -27.35
C HIS A 255 21.88 32.07 -26.42
N ILE A 256 20.99 31.10 -26.24
CA ILE A 256 19.87 31.23 -25.31
C ILE A 256 20.42 31.01 -23.91
N PRO A 257 20.03 31.80 -22.91
CA PRO A 257 20.51 31.57 -21.55
C PRO A 257 20.08 30.21 -21.03
N VAL A 258 20.82 29.71 -20.04
CA VAL A 258 20.64 28.36 -19.52
C VAL A 258 20.60 28.39 -18.01
N THR A 259 19.75 27.56 -17.43
CA THR A 259 19.73 27.31 -16.00
C THR A 259 19.49 25.82 -15.80
N SER A 260 20.09 25.27 -14.75
CA SER A 260 20.13 23.82 -14.55
C SER A 260 19.62 23.44 -13.17
N THR A 261 18.89 22.33 -13.10
CA THR A 261 18.65 21.71 -11.82
C THR A 261 19.96 21.14 -11.28
N TYR A 262 19.94 20.72 -10.03
CA TYR A 262 21.17 20.20 -9.42
C TYR A 262 21.52 18.80 -9.91
N GLN A 263 20.55 18.04 -10.41
CA GLN A 263 20.87 16.77 -11.07
C GLN A 263 21.61 17.01 -12.39
N ALA A 264 21.50 18.20 -12.96
CA ALA A 264 22.25 18.59 -14.15
C ALA A 264 23.32 19.63 -13.83
N ALA A 265 23.77 19.69 -12.58
CA ALA A 265 24.68 20.73 -12.15
C ALA A 265 25.97 20.77 -12.96
N GLY A 266 26.31 19.69 -13.66
CA GLY A 266 27.57 19.63 -14.37
C GLY A 266 27.45 19.79 -15.87
N ALA A 267 26.22 19.82 -16.39
CA ALA A 267 26.03 19.93 -17.83
C ALA A 267 26.59 21.25 -18.36
N VAL A 268 26.47 22.32 -17.57
CA VAL A 268 26.96 23.64 -17.94
C VAL A 268 27.47 24.32 -16.69
N ASN A 269 28.52 25.13 -16.85
CA ASN A 269 29.08 25.90 -15.74
C ASN A 269 29.25 27.35 -16.18
N GLN A 270 29.63 28.20 -15.23
CA GLN A 270 29.72 29.63 -15.50
C GLN A 270 30.92 29.97 -16.37
N ASP A 271 31.99 29.18 -16.29
CA ASP A 271 33.22 29.50 -17.00
C ASP A 271 33.25 29.01 -18.44
N ASN A 272 32.26 28.23 -18.88
CA ASN A 272 32.21 27.74 -20.25
C ASN A 272 31.03 28.28 -21.05
N PHE A 273 30.10 28.99 -20.42
CA PHE A 273 28.98 29.61 -21.14
C PHE A 273 28.67 30.94 -20.46
N SER A 274 28.72 32.03 -21.24
CA SER A 274 28.60 33.36 -20.65
C SER A 274 27.19 33.62 -20.13
N ARG A 275 26.17 33.02 -20.74
CA ARG A 275 24.78 33.26 -20.37
C ARG A 275 24.22 32.15 -19.48
N PHE A 276 25.07 31.55 -18.65
CA PHE A 276 24.62 30.59 -17.66
C PHE A 276 24.08 31.33 -16.45
N ALA A 277 22.85 30.96 -16.04
CA ALA A 277 22.15 31.67 -14.98
C ALA A 277 22.18 30.92 -13.66
N GLY A 278 23.11 29.99 -13.49
CA GLY A 278 23.24 29.26 -12.25
C GLY A 278 22.28 28.09 -12.17
N ARG A 279 22.35 27.40 -11.05
CA ARG A 279 21.50 26.25 -10.77
C ARG A 279 20.35 26.68 -9.87
N VAL A 280 19.16 26.13 -10.15
CA VAL A 280 17.94 26.53 -9.45
C VAL A 280 17.42 25.35 -8.65
N GLY A 281 16.72 25.65 -7.57
CA GLY A 281 16.14 24.64 -6.71
C GLY A 281 16.49 24.83 -5.24
N LEU A 282 17.54 25.61 -4.96
CA LEU A 282 18.06 25.73 -3.61
C LEU A 282 18.06 27.16 -3.09
N PHE A 283 18.50 28.13 -3.89
CA PHE A 283 18.61 29.51 -3.43
C PHE A 283 17.51 30.37 -4.05
N ASN A 284 17.10 31.39 -3.30
CA ASN A 284 15.99 32.26 -3.68
C ASN A 284 16.44 33.52 -4.41
N ASN A 285 17.72 33.61 -4.77
CA ASN A 285 18.27 34.79 -5.43
C ASN A 285 19.09 34.37 -6.64
N GLN A 286 18.54 33.47 -7.45
CA GLN A 286 19.23 32.94 -8.61
C GLN A 286 18.70 33.58 -9.89
N ALA A 287 19.61 33.85 -10.83
CA ALA A 287 19.22 34.39 -12.12
C ALA A 287 18.29 33.44 -12.88
N GLY A 288 18.53 32.13 -12.75
CA GLY A 288 17.69 31.17 -13.46
C GLY A 288 16.22 31.29 -13.11
N ASP A 289 15.91 31.46 -11.82
CA ASP A 289 14.52 31.62 -11.41
C ASP A 289 13.92 32.88 -12.02
N ARG A 290 14.65 33.98 -11.97
CA ARG A 290 14.15 35.23 -12.54
C ARG A 290 13.92 35.11 -14.04
N LEU A 291 14.86 34.47 -14.75
CA LEU A 291 14.72 34.31 -16.20
C LEU A 291 13.54 33.41 -16.55
N LEU A 292 13.31 32.36 -15.75
CA LEU A 292 12.19 31.47 -16.00
C LEU A 292 10.86 32.20 -15.86
N GLN A 293 10.69 32.93 -14.76
CA GLN A 293 9.45 33.69 -14.56
C GLN A 293 9.30 34.79 -15.60
N LEU A 294 10.42 35.31 -16.11
CA LEU A 294 10.40 36.30 -17.17
C LEU A 294 10.16 35.69 -18.54
N ALA A 295 10.45 34.40 -18.72
CA ALA A 295 10.49 33.81 -20.05
C ALA A 295 9.12 33.82 -20.72
N ASP A 296 9.14 33.97 -22.04
CA ASP A 296 7.98 33.71 -22.89
C ASP A 296 8.08 32.38 -23.61
N LEU A 297 9.21 31.68 -23.49
CA LEU A 297 9.40 30.37 -24.08
C LEU A 297 10.41 29.63 -23.21
N VAL A 298 9.99 28.50 -22.65
CA VAL A 298 10.87 27.65 -21.83
C VAL A 298 11.02 26.32 -22.54
N ILE A 299 12.26 25.94 -22.81
CA ILE A 299 12.58 24.66 -23.41
C ILE A 299 13.29 23.83 -22.35
N CYS A 300 12.59 22.84 -21.82
CA CYS A 300 13.16 21.93 -20.83
C CYS A 300 13.80 20.75 -21.54
N ILE A 301 15.05 20.44 -21.17
CA ILE A 301 15.81 19.38 -21.80
C ILE A 301 16.18 18.35 -20.73
N GLY A 302 15.72 17.12 -20.90
CA GLY A 302 16.04 16.06 -19.96
C GLY A 302 15.51 16.30 -18.56
N TYR A 303 14.40 17.01 -18.43
CA TYR A 303 13.92 17.48 -17.14
C TYR A 303 12.62 16.79 -16.75
N SER A 304 12.52 16.44 -15.46
CA SER A 304 11.30 15.95 -14.88
C SER A 304 10.89 16.86 -13.72
N PRO A 305 9.58 17.10 -13.52
CA PRO A 305 9.15 18.01 -12.45
C PRO A 305 9.72 17.68 -11.08
N VAL A 306 10.11 16.43 -10.86
CA VAL A 306 10.62 16.03 -9.55
C VAL A 306 11.93 16.73 -9.21
N GLU A 307 12.69 17.17 -10.22
CA GLU A 307 13.99 17.79 -9.96
C GLU A 307 13.84 19.19 -9.38
N TYR A 308 12.74 19.87 -9.68
CA TYR A 308 12.53 21.25 -9.22
C TYR A 308 11.05 21.55 -9.40
N GLU A 309 10.32 21.66 -8.30
CA GLU A 309 8.87 21.77 -8.35
C GLU A 309 8.44 22.84 -9.35
N PRO A 310 7.69 22.48 -10.40
CA PRO A 310 7.28 23.50 -11.38
C PRO A 310 6.47 24.64 -10.80
N ALA A 311 5.84 24.44 -9.64
CA ALA A 311 5.06 25.51 -9.02
C ALA A 311 5.92 26.72 -8.67
N MET A 312 7.24 26.55 -8.60
CA MET A 312 8.14 27.62 -8.19
C MET A 312 8.77 28.37 -9.35
N TRP A 313 8.60 27.90 -10.58
CA TRP A 313 9.14 28.61 -11.74
C TRP A 313 8.20 28.72 -12.93
N ASN A 314 7.25 27.81 -13.11
CA ASN A 314 6.36 27.85 -14.26
C ASN A 314 5.15 28.72 -13.91
N SER A 315 5.21 29.99 -14.30
CA SER A 315 4.08 30.90 -14.10
C SER A 315 2.93 30.65 -15.08
N GLY A 316 3.16 29.84 -16.12
CA GLY A 316 2.13 29.55 -17.10
C GLY A 316 1.99 30.56 -18.21
N ASN A 317 2.72 31.68 -18.15
CA ASN A 317 2.65 32.71 -19.17
C ASN A 317 3.67 32.52 -20.29
N ALA A 318 4.10 31.29 -20.53
CA ALA A 318 5.12 31.01 -21.53
C ALA A 318 4.83 29.67 -22.20
N THR A 319 5.12 29.59 -23.50
CA THR A 319 5.06 28.31 -24.19
C THR A 319 6.12 27.39 -23.63
N LEU A 320 5.75 26.13 -23.40
CA LEU A 320 6.60 25.16 -22.72
C LEU A 320 6.91 24.01 -23.67
N VAL A 321 8.20 23.76 -23.89
CA VAL A 321 8.66 22.69 -24.77
C VAL A 321 9.36 21.65 -23.91
N HIS A 322 9.03 20.39 -24.12
CA HIS A 322 9.60 19.27 -23.37
C HIS A 322 10.43 18.41 -24.31
N ILE A 323 11.72 18.29 -24.03
CA ILE A 323 12.63 17.43 -24.76
C ILE A 323 13.25 16.48 -23.77
N ASP A 324 12.97 15.18 -23.92
CA ASP A 324 13.49 14.19 -23.00
C ASP A 324 13.38 12.82 -23.66
N VAL A 325 14.05 11.83 -23.04
CA VAL A 325 13.98 10.46 -23.51
C VAL A 325 12.63 9.81 -23.22
N LEU A 326 11.79 10.46 -22.43
CA LEU A 326 10.49 9.94 -22.05
C LEU A 326 9.43 11.01 -22.21
N PRO A 327 8.17 10.62 -22.37
CA PRO A 327 7.09 11.61 -22.36
C PRO A 327 7.08 12.37 -21.04
N ALA A 328 6.52 13.56 -21.07
CA ALA A 328 6.48 14.40 -19.87
C ALA A 328 5.64 13.74 -18.77
N TYR A 329 6.09 13.91 -17.53
CA TYR A 329 5.31 13.53 -16.35
C TYR A 329 4.43 14.71 -15.98
N GLU A 330 3.32 14.84 -16.71
CA GLU A 330 2.48 16.03 -16.60
C GLU A 330 1.90 16.18 -15.20
N GLU A 331 1.69 17.42 -14.80
CA GLU A 331 1.03 17.77 -13.55
C GLU A 331 0.44 19.17 -13.71
N ARG A 332 -0.09 19.72 -12.62
CA ARG A 332 -0.75 21.03 -12.68
C ARG A 332 0.10 22.06 -13.40
N ASN A 333 1.31 22.29 -12.89
CA ASN A 333 2.19 23.36 -13.36
C ASN A 333 3.19 22.87 -14.39
N TYR A 334 2.88 21.78 -15.11
CA TYR A 334 3.80 21.27 -16.12
C TYR A 334 2.97 20.55 -17.20
N THR A 335 2.38 21.34 -18.09
CA THR A 335 1.61 20.85 -19.23
C THR A 335 2.26 21.39 -20.50
N PRO A 336 3.32 20.75 -20.98
CA PRO A 336 4.06 21.30 -22.13
C PRO A 336 3.18 21.42 -23.37
N ASP A 337 3.37 22.53 -24.10
CA ASP A 337 2.65 22.74 -25.34
C ASP A 337 3.23 21.91 -26.48
N VAL A 338 4.52 21.59 -26.42
CA VAL A 338 5.17 20.73 -27.39
C VAL A 338 5.97 19.68 -26.64
N GLU A 339 5.96 18.45 -27.16
CA GLU A 339 6.53 17.29 -26.48
C GLU A 339 7.40 16.51 -27.45
N LEU A 340 8.73 16.63 -27.30
CA LEU A 340 9.69 15.94 -28.15
C LEU A 340 10.31 14.78 -27.36
N VAL A 341 9.93 13.56 -27.72
CA VAL A 341 10.44 12.37 -27.06
C VAL A 341 11.31 11.62 -28.06
N GLY A 342 12.53 11.29 -27.65
CA GLY A 342 13.46 10.59 -28.52
C GLY A 342 14.89 10.79 -28.04
N ASP A 343 15.82 10.49 -28.93
CA ASP A 343 17.25 10.67 -28.63
C ASP A 343 17.55 12.16 -28.45
N ILE A 344 17.98 12.54 -27.25
CA ILE A 344 18.25 13.95 -26.96
C ILE A 344 19.35 14.47 -27.88
N ALA A 345 20.49 13.77 -27.91
CA ALA A 345 21.63 14.25 -28.69
C ALA A 345 21.25 14.50 -30.14
N GLY A 346 20.56 13.53 -30.76
CA GLY A 346 20.13 13.71 -32.14
C GLY A 346 19.12 14.83 -32.29
N THR A 347 18.26 15.02 -31.28
CA THR A 347 17.27 16.08 -31.34
C THR A 347 17.92 17.45 -31.24
N LEU A 348 18.82 17.63 -30.27
CA LEU A 348 19.46 18.93 -30.09
C LEU A 348 20.33 19.30 -31.30
N ASN A 349 21.00 18.32 -31.89
CA ASN A 349 21.80 18.59 -33.09
C ASN A 349 20.91 19.10 -34.22
N LYS A 350 19.84 18.36 -34.52
CA LYS A 350 18.92 18.78 -35.58
C LYS A 350 18.31 20.14 -35.26
N LEU A 351 17.96 20.37 -33.99
CA LEU A 351 17.41 21.67 -33.61
C LEU A 351 18.44 22.78 -33.81
N ALA A 352 19.70 22.53 -33.47
CA ALA A 352 20.74 23.53 -33.66
C ALA A 352 20.94 23.84 -35.14
N GLN A 353 20.72 22.85 -36.01
CA GLN A 353 20.87 23.09 -37.44
C GLN A 353 19.82 24.06 -37.97
N ASN A 354 18.66 24.12 -37.32
CA ASN A 354 17.55 24.95 -37.79
C ASN A 354 17.43 26.26 -37.03
N ILE A 355 18.44 26.66 -36.26
CA ILE A 355 18.47 27.97 -35.62
C ILE A 355 19.04 28.97 -36.62
N ASP A 356 18.21 29.93 -37.02
CA ASP A 356 18.62 30.88 -38.06
C ASP A 356 19.49 32.01 -37.52
N HIS A 357 19.38 32.35 -36.24
CA HIS A 357 20.12 33.49 -35.71
C HIS A 357 20.28 33.34 -34.21
N ARG A 358 21.27 34.06 -33.68
CA ARG A 358 21.55 34.06 -32.25
C ARG A 358 20.62 35.02 -31.51
N LEU A 359 20.36 34.70 -30.25
CA LEU A 359 19.45 35.50 -29.44
C LEU A 359 20.01 36.89 -29.16
N VAL A 360 19.12 37.87 -29.13
CA VAL A 360 19.42 39.22 -28.67
C VAL A 360 18.76 39.37 -27.30
N LEU A 361 19.57 39.45 -26.24
CA LEU A 361 19.03 39.51 -24.90
C LEU A 361 18.15 40.74 -24.72
N SER A 362 17.07 40.56 -23.97
CA SER A 362 16.22 41.67 -23.57
C SER A 362 16.88 42.45 -22.43
N PRO A 363 16.41 43.67 -22.17
CA PRO A 363 17.00 44.44 -21.05
C PRO A 363 16.93 43.71 -19.72
N GLN A 364 15.76 43.17 -19.37
CA GLN A 364 15.63 42.44 -18.11
C GLN A 364 16.56 41.23 -18.09
N ALA A 365 16.55 40.44 -19.17
CA ALA A 365 17.46 39.28 -19.24
C ALA A 365 18.91 39.72 -19.04
N ALA A 366 19.35 40.74 -19.78
CA ALA A 366 20.70 41.25 -19.61
C ALA A 366 20.92 41.76 -18.19
N GLU A 367 19.95 42.48 -17.64
CA GLU A 367 20.08 42.99 -16.28
C GLU A 367 20.14 41.86 -15.27
N ILE A 368 19.32 40.81 -15.48
CA ILE A 368 19.35 39.66 -14.57
C ILE A 368 20.72 39.00 -14.60
N LEU A 369 21.28 38.82 -15.79
CA LEU A 369 22.61 38.23 -15.90
C LEU A 369 23.67 39.18 -15.35
N ARG A 370 23.50 40.48 -15.57
CA ARG A 370 24.39 41.46 -14.96
C ARG A 370 24.33 41.37 -13.43
N ASP A 371 23.12 41.31 -12.88
CA ASP A 371 22.97 41.17 -11.43
C ASP A 371 23.66 39.92 -10.93
N ARG A 372 23.58 38.82 -11.69
CA ARG A 372 24.28 37.60 -11.31
C ARG A 372 25.79 37.82 -11.31
N GLN A 373 26.30 38.52 -12.32
CA GLN A 373 27.72 38.88 -12.33
C GLN A 373 28.07 39.68 -11.08
N HIS A 374 27.30 40.75 -10.81
CA HIS A 374 27.52 41.52 -9.59
C HIS A 374 27.30 40.65 -8.35
N GLN A 375 26.30 39.77 -8.39
CA GLN A 375 26.09 38.85 -7.28
C GLN A 375 27.30 37.96 -7.07
N ARG A 376 27.83 37.37 -8.16
CA ARG A 376 29.03 36.56 -8.05
C ARG A 376 30.19 37.38 -7.51
N GLU A 377 30.27 38.66 -7.88
CA GLU A 377 31.28 39.54 -7.31
C GLU A 377 31.04 39.76 -5.82
N LEU A 378 29.78 40.02 -5.44
CA LEU A 378 29.46 40.17 -4.03
C LEU A 378 29.65 38.86 -3.28
N LEU A 379 29.30 37.73 -3.91
CA LEU A 379 29.55 36.43 -3.29
C LEU A 379 31.04 36.24 -3.03
N ASP A 380 31.88 36.63 -3.99
CA ASP A 380 33.30 36.77 -3.72
C ASP A 380 33.52 37.92 -2.75
N ARG A 381 34.75 38.05 -2.25
CA ARG A 381 35.04 39.15 -1.33
C ARG A 381 35.97 40.20 -2.02
N ARG A 382 37.30 40.20 -1.87
CA ARG A 382 38.13 39.27 -1.11
C ARG A 382 38.29 39.74 0.34
N GLY A 383 38.33 38.78 1.26
CA GLY A 383 38.45 39.10 2.67
C GLY A 383 39.53 38.25 3.32
N ALA A 384 40.19 38.86 4.32
CA ALA A 384 41.34 38.24 4.97
C ALA A 384 40.95 37.43 6.21
N GLN A 385 39.79 36.79 6.20
CA GLN A 385 39.34 35.90 7.27
C GLN A 385 39.76 36.40 8.65
N LEU A 386 39.20 37.53 9.08
CA LEU A 386 39.56 38.10 10.38
C LEU A 386 39.32 37.11 11.51
N ASN A 387 38.29 36.27 11.40
CA ASN A 387 37.98 35.28 12.44
C ASN A 387 38.65 33.96 12.06
N GLN A 388 39.93 33.87 12.40
CA GLN A 388 40.72 32.70 12.02
C GLN A 388 40.23 31.44 12.69
N PHE A 389 39.73 31.54 13.92
CA PHE A 389 39.24 30.37 14.63
C PHE A 389 37.82 30.56 15.18
N ALA A 390 36.89 29.63 14.92
CA ALA A 390 37.12 28.46 14.06
C ALA A 390 37.19 28.93 12.62
N LEU A 391 37.75 28.11 11.73
CA LEU A 391 37.94 28.55 10.36
C LEU A 391 36.60 28.95 9.75
N HIS A 392 36.57 30.13 9.13
CA HIS A 392 35.34 30.59 8.52
C HIS A 392 35.00 29.73 7.31
N PRO A 393 33.72 29.39 7.11
CA PRO A 393 33.37 28.53 5.95
C PRO A 393 33.92 29.04 4.64
N LEU A 394 33.74 30.33 4.35
CA LEU A 394 34.25 30.89 3.09
C LEU A 394 35.75 30.66 2.94
N ARG A 395 36.47 30.58 4.06
CA ARG A 395 37.90 30.28 3.98
C ARG A 395 38.13 28.83 3.57
N ILE A 396 37.33 27.90 4.12
CA ILE A 396 37.47 26.50 3.75
C ILE A 396 37.10 26.30 2.29
N VAL A 397 36.09 27.01 1.81
CA VAL A 397 35.67 26.87 0.42
C VAL A 397 36.79 27.28 -0.53
N ARG A 398 37.44 28.42 -0.24
CA ARG A 398 38.55 28.87 -1.06
C ARG A 398 39.67 27.84 -1.07
N ALA A 399 40.01 27.31 0.11
CA ALA A 399 41.07 26.32 0.18
C ALA A 399 40.70 25.07 -0.62
N MET A 400 39.42 24.69 -0.61
CA MET A 400 38.98 23.58 -1.44
C MET A 400 39.08 23.91 -2.92
N GLN A 401 38.71 25.14 -3.30
CA GLN A 401 38.79 25.55 -4.68
C GLN A 401 40.22 25.47 -5.21
N ASP A 402 41.20 25.77 -4.36
CA ASP A 402 42.58 25.81 -4.82
C ASP A 402 43.12 24.41 -5.10
N ILE A 403 42.58 23.39 -4.43
CA ILE A 403 43.05 22.02 -4.63
C ILE A 403 42.16 21.24 -5.60
N VAL A 404 40.91 21.64 -5.80
CA VAL A 404 40.00 20.97 -6.72
C VAL A 404 40.11 21.68 -8.06
N ASN A 405 40.94 21.14 -8.94
CA ASN A 405 41.11 21.67 -10.29
C ASN A 405 40.37 20.78 -11.29
N SER A 406 40.57 21.05 -12.58
CA SER A 406 39.82 20.35 -13.62
C SER A 406 40.13 18.86 -13.68
N ASP A 407 41.18 18.40 -13.00
CA ASP A 407 41.53 16.98 -12.97
C ASP A 407 41.02 16.27 -11.72
N VAL A 408 40.31 16.96 -10.84
CA VAL A 408 39.89 16.41 -9.55
C VAL A 408 38.38 16.24 -9.55
N THR A 409 37.92 15.15 -8.94
CA THR A 409 36.51 14.93 -8.70
C THR A 409 36.17 15.34 -7.27
N LEU A 410 35.00 15.96 -7.10
CA LEU A 410 34.54 16.42 -5.80
C LEU A 410 33.22 15.75 -5.47
N THR A 411 33.17 15.07 -4.32
CA THR A 411 31.93 14.53 -3.79
C THR A 411 31.57 15.28 -2.51
N VAL A 412 30.29 15.62 -2.37
CA VAL A 412 29.82 16.49 -1.30
C VAL A 412 28.75 15.75 -0.51
N ASP A 413 28.94 15.65 0.80
CA ASP A 413 27.95 15.05 1.67
C ASP A 413 26.84 16.05 1.95
N MET A 414 26.05 15.83 2.99
CA MET A 414 24.87 16.64 3.26
C MET A 414 25.01 17.31 4.62
N GLY A 415 24.69 18.60 4.66
CA GLY A 415 24.85 19.39 5.86
C GLY A 415 24.94 20.87 5.51
N SER A 416 25.34 21.66 6.49
CA SER A 416 25.49 23.10 6.26
C SER A 416 26.60 23.38 5.25
N PHE A 417 27.71 22.64 5.35
CA PHE A 417 28.76 22.74 4.34
C PHE A 417 28.21 22.54 2.93
N HIS A 418 27.24 21.65 2.78
CA HIS A 418 26.63 21.42 1.48
C HIS A 418 26.05 22.71 0.91
N ILE A 419 25.40 23.51 1.76
CA ILE A 419 24.83 24.77 1.31
C ILE A 419 25.93 25.74 0.89
N TRP A 420 27.02 25.78 1.66
CA TRP A 420 28.14 26.66 1.32
C TRP A 420 28.71 26.32 -0.05
N ILE A 421 29.01 25.05 -0.28
CA ILE A 421 29.56 24.63 -1.56
C ILE A 421 28.57 24.92 -2.69
N ALA A 422 27.30 24.61 -2.47
CA ALA A 422 26.28 24.88 -3.48
C ALA A 422 26.22 26.37 -3.79
N ARG A 423 26.44 27.23 -2.79
CA ARG A 423 26.44 28.67 -3.01
C ARG A 423 27.57 29.09 -3.95
N TYR A 424 28.68 28.35 -3.96
CA TYR A 424 29.85 28.70 -4.73
C TYR A 424 30.18 27.66 -5.79
N LEU A 425 29.17 26.91 -6.26
CA LEU A 425 29.43 25.93 -7.30
C LEU A 425 30.00 26.56 -8.56
N TYR A 426 29.61 27.80 -8.85
CA TYR A 426 30.13 28.48 -10.04
C TYR A 426 31.65 28.60 -9.98
N SER A 427 32.22 28.70 -8.78
CA SER A 427 33.65 28.95 -8.61
C SER A 427 34.49 27.69 -8.64
N PHE A 428 33.88 26.51 -8.53
CA PHE A 428 34.63 25.26 -8.59
C PHE A 428 34.85 24.85 -10.03
N ARG A 429 36.10 24.51 -10.36
CA ARG A 429 36.47 24.05 -11.68
C ARG A 429 36.83 22.57 -11.62
N ALA A 430 35.89 21.74 -11.16
CA ALA A 430 36.14 20.32 -10.96
C ALA A 430 35.81 19.53 -12.22
N ARG A 431 36.52 18.41 -12.39
CA ARG A 431 36.20 17.49 -13.48
C ARG A 431 34.76 17.02 -13.36
N GLN A 432 34.35 16.64 -12.16
CA GLN A 432 32.99 16.23 -11.88
C GLN A 432 32.67 16.57 -10.43
N VAL A 433 31.42 16.94 -10.18
CA VAL A 433 30.95 17.24 -8.84
C VAL A 433 29.72 16.38 -8.57
N MET A 434 29.77 15.59 -7.50
CA MET A 434 28.62 14.83 -7.02
C MET A 434 28.10 15.54 -5.78
N ILE A 435 26.98 16.23 -5.92
CA ILE A 435 26.42 17.01 -4.82
C ILE A 435 24.91 16.83 -4.76
N SER A 436 24.28 16.66 -5.93
CA SER A 436 22.83 16.50 -5.99
C SER A 436 22.37 15.40 -5.02
N ASN A 437 21.39 15.74 -4.19
CA ASN A 437 20.95 14.84 -3.13
C ASN A 437 19.52 15.16 -2.71
N GLY A 438 18.54 14.74 -3.51
CA GLY A 438 17.16 15.05 -3.21
C GLY A 438 16.69 14.44 -1.91
N GLN A 439 17.06 13.18 -1.64
CA GLN A 439 16.72 12.56 -0.38
C GLN A 439 17.49 13.17 0.79
N GLN A 440 18.55 13.93 0.51
CA GLN A 440 19.34 14.58 1.54
C GLN A 440 19.99 13.57 2.49
N THR A 441 20.39 12.43 1.92
CA THR A 441 21.04 11.39 2.72
C THR A 441 22.43 11.85 3.14
N MET A 442 22.74 11.68 4.43
CA MET A 442 24.08 11.94 4.92
C MET A 442 24.91 10.66 4.85
N GLY A 443 26.22 10.84 4.74
CA GLY A 443 27.14 9.73 4.62
C GLY A 443 27.47 9.31 3.20
N VAL A 444 27.10 10.12 2.20
CA VAL A 444 27.27 9.72 0.81
C VAL A 444 28.66 10.06 0.26
N ALA A 445 29.32 11.08 0.81
CA ALA A 445 30.50 11.64 0.16
C ALA A 445 31.61 10.59 0.02
N LEU A 446 32.03 10.00 1.14
CA LEU A 446 33.14 9.05 1.10
C LEU A 446 32.87 7.87 0.18
N PRO A 447 31.76 7.14 0.31
CA PRO A 447 31.52 6.02 -0.61
C PRO A 447 31.33 6.46 -2.05
N TRP A 448 30.72 7.62 -2.29
CA TRP A 448 30.71 8.17 -3.64
C TRP A 448 32.12 8.35 -4.18
N ALA A 449 33.03 8.84 -3.34
CA ALA A 449 34.40 9.09 -3.78
C ALA A 449 35.13 7.79 -4.08
N ILE A 450 34.93 6.77 -3.26
CA ILE A 450 35.58 5.48 -3.50
C ILE A 450 35.10 4.89 -4.82
N GLY A 451 33.80 4.94 -5.06
CA GLY A 451 33.27 4.45 -6.32
C GLY A 451 33.78 5.25 -7.52
N ALA A 452 33.79 6.58 -7.39
CA ALA A 452 34.26 7.43 -8.49
C ALA A 452 35.73 7.18 -8.78
N TRP A 453 36.56 7.04 -7.74
CA TRP A 453 37.98 6.79 -7.94
C TRP A 453 38.21 5.48 -8.68
N LEU A 454 37.41 4.46 -8.38
CA LEU A 454 37.62 3.16 -9.03
C LEU A 454 37.41 3.24 -10.53
N VAL A 455 36.59 4.18 -11.01
CA VAL A 455 36.39 4.32 -12.45
C VAL A 455 37.64 4.88 -13.10
N ASN A 456 38.25 5.89 -12.48
CA ASN A 456 39.47 6.52 -13.00
C ASN A 456 40.50 6.58 -11.86
N PRO A 457 41.08 5.44 -11.50
CA PRO A 457 41.98 5.41 -10.33
C PRO A 457 43.25 6.21 -10.50
N GLU A 458 43.55 6.72 -11.69
CA GLU A 458 44.74 7.54 -11.89
C GLU A 458 44.55 8.99 -11.45
N ARG A 459 43.34 9.38 -11.05
CA ARG A 459 43.04 10.75 -10.69
C ARG A 459 42.73 10.85 -9.19
N LYS A 460 42.75 12.09 -8.70
CA LYS A 460 42.47 12.37 -7.30
C LYS A 460 40.97 12.63 -7.12
N VAL A 461 40.45 12.19 -5.98
CA VAL A 461 39.06 12.42 -5.61
C VAL A 461 39.04 13.10 -4.25
N VAL A 462 38.23 14.16 -4.14
CA VAL A 462 38.08 14.91 -2.90
C VAL A 462 36.63 14.76 -2.43
N SER A 463 36.46 14.21 -1.24
CA SER A 463 35.15 14.11 -0.62
C SER A 463 35.11 15.02 0.61
N VAL A 464 33.97 15.67 0.82
CA VAL A 464 33.79 16.59 1.93
C VAL A 464 32.47 16.25 2.62
N SER A 465 32.51 16.14 3.94
CA SER A 465 31.32 15.86 4.73
C SER A 465 31.45 16.57 6.07
N GLY A 466 30.41 16.46 6.88
CA GLY A 466 30.46 16.89 8.26
C GLY A 466 30.89 15.75 9.17
N ASP A 467 30.99 16.07 10.46
CA ASP A 467 31.31 15.05 11.44
C ASP A 467 30.17 14.06 11.62
N GLY A 468 28.93 14.53 11.52
CA GLY A 468 27.78 13.66 11.57
C GLY A 468 27.75 12.67 10.42
N GLY A 469 27.74 13.20 9.19
CA GLY A 469 27.72 12.34 8.02
C GLY A 469 28.96 11.47 7.90
N PHE A 470 30.09 11.95 8.41
CA PHE A 470 31.33 11.20 8.32
C PHE A 470 31.21 9.85 9.00
N LEU A 471 30.74 9.83 10.26
CA LEU A 471 30.71 8.60 11.03
C LEU A 471 29.64 7.62 10.56
N GLN A 472 28.72 8.03 9.69
CA GLN A 472 27.75 7.09 9.17
C GLN A 472 28.32 6.20 8.07
N SER A 473 29.47 6.58 7.50
CA SER A 473 30.11 5.78 6.47
C SER A 473 31.63 5.71 6.65
N SER A 474 32.17 6.24 7.74
CA SER A 474 33.62 6.24 7.94
C SER A 474 34.18 4.82 8.03
N MET A 475 33.32 3.82 8.27
CA MET A 475 33.78 2.43 8.25
C MET A 475 34.49 2.09 6.95
N GLU A 476 34.13 2.75 5.85
CA GLU A 476 34.72 2.46 4.56
C GLU A 476 36.12 3.03 4.39
N LEU A 477 36.66 3.72 5.40
CA LEU A 477 38.07 4.09 5.36
C LEU A 477 38.95 2.86 5.27
N GLU A 478 38.54 1.77 5.94
CA GLU A 478 39.27 0.52 5.81
C GLU A 478 39.24 0.02 4.37
N THR A 479 38.08 0.13 3.72
CA THR A 479 37.99 -0.24 2.30
C THR A 479 38.89 0.65 1.46
N ALA A 480 38.93 1.95 1.76
CA ALA A 480 39.79 2.86 1.01
C ALA A 480 41.26 2.49 1.18
N VAL A 481 41.67 2.20 2.42
CA VAL A 481 43.04 1.76 2.67
C VAL A 481 43.30 0.44 1.96
N ARG A 482 42.38 -0.51 2.09
CA ARG A 482 42.55 -1.81 1.44
C ARG A 482 42.59 -1.68 -0.08
N LEU A 483 41.89 -0.69 -0.63
CA LEU A 483 41.93 -0.43 -2.07
C LEU A 483 43.02 0.54 -2.48
N LYS A 484 43.67 1.20 -1.52
CA LYS A 484 44.65 2.23 -1.82
C LYS A 484 44.03 3.34 -2.67
N ALA A 485 42.78 3.67 -2.36
CA ALA A 485 42.06 4.68 -3.12
C ALA A 485 42.65 6.07 -2.84
N ASN A 486 42.93 6.81 -3.91
CA ASN A 486 43.52 8.14 -3.81
C ASN A 486 42.40 9.15 -3.54
N VAL A 487 41.88 9.09 -2.32
CA VAL A 487 40.73 9.90 -1.90
C VAL A 487 41.17 10.77 -0.73
N LEU A 488 40.91 12.07 -0.85
CA LEU A 488 41.14 13.03 0.22
C LEU A 488 39.79 13.42 0.80
N HIS A 489 39.58 13.10 2.08
CA HIS A 489 38.31 13.36 2.75
C HIS A 489 38.46 14.53 3.71
N LEU A 490 37.58 15.52 3.58
CA LEU A 490 37.58 16.70 4.43
C LEU A 490 36.37 16.65 5.36
N ILE A 491 36.60 16.91 6.64
CA ILE A 491 35.55 16.91 7.65
C ILE A 491 35.42 18.33 8.19
N TRP A 492 34.26 18.94 8.00
CA TRP A 492 33.93 20.19 8.67
C TRP A 492 33.42 19.84 10.07
N VAL A 493 34.23 20.11 11.09
CA VAL A 493 33.96 19.65 12.45
C VAL A 493 33.31 20.78 13.22
N ASP A 494 32.10 20.53 13.74
CA ASP A 494 31.44 21.42 14.67
C ASP A 494 30.88 20.67 15.87
N ASN A 495 31.01 19.35 15.92
CA ASN A 495 30.54 18.54 17.05
C ASN A 495 29.02 18.67 17.21
N GLY A 496 28.30 18.58 16.10
CA GLY A 496 26.85 18.67 16.14
C GLY A 496 26.26 18.48 14.76
N TYR A 497 24.93 18.43 14.74
CA TYR A 497 24.16 18.37 13.49
C TYR A 497 23.72 19.79 13.17
N ASN A 498 24.64 20.56 12.59
CA ASN A 498 24.43 22.00 12.46
C ASN A 498 23.23 22.33 11.60
N MET A 499 23.14 21.71 10.41
CA MET A 499 22.07 22.05 9.48
C MET A 499 20.70 21.94 10.14
N VAL A 500 20.57 21.03 11.11
CA VAL A 500 19.32 20.95 11.87
C VAL A 500 19.27 22.04 12.93
N ALA A 501 20.40 22.31 13.59
CA ALA A 501 20.43 23.31 14.66
C ALA A 501 19.98 24.67 14.13
N ILE A 502 20.54 25.11 13.01
CA ILE A 502 20.16 26.40 12.44
C ILE A 502 18.66 26.46 12.18
N GLN A 503 18.08 25.35 11.74
CA GLN A 503 16.63 25.32 11.52
C GLN A 503 15.88 25.44 12.84
N GLU A 504 16.37 24.78 13.89
CA GLU A 504 15.73 24.88 15.20
C GLU A 504 15.86 26.29 15.77
N GLU A 505 17.03 26.92 15.60
CA GLU A 505 17.23 28.27 16.13
C GLU A 505 16.24 29.25 15.52
N LYS A 506 16.05 29.19 14.20
CA LYS A 506 15.11 30.11 13.55
C LYS A 506 13.69 29.84 14.02
N LYS A 507 13.35 28.59 14.27
CA LYS A 507 11.98 28.21 14.60
C LYS A 507 11.68 28.31 16.09
N TYR A 508 12.62 27.91 16.95
CA TYR A 508 12.35 27.81 18.37
C TYR A 508 13.34 28.55 19.27
N GLN A 509 14.41 29.13 18.71
CA GLN A 509 15.41 29.84 19.51
C GLN A 509 16.04 28.93 20.56
N ARG A 510 16.03 27.63 20.32
CA ARG A 510 16.67 26.67 21.22
C ARG A 510 16.93 25.38 20.46
N LEU A 511 17.88 24.60 20.97
CA LEU A 511 18.36 23.40 20.30
C LEU A 511 17.85 22.15 20.99
N SER A 512 17.65 21.10 20.21
CA SER A 512 17.19 19.81 20.75
C SER A 512 17.79 18.69 19.91
N GLY A 513 18.71 17.93 20.49
CA GLY A 513 19.20 16.72 19.85
C GLY A 513 20.20 16.93 18.73
N VAL A 514 20.93 18.05 18.73
CA VAL A 514 21.83 18.40 17.64
C VAL A 514 23.27 18.55 18.10
N GLU A 515 23.58 18.17 19.34
CA GLU A 515 24.91 18.30 19.89
C GLU A 515 25.45 16.94 20.31
N PHE A 516 26.71 16.68 19.99
CA PHE A 516 27.42 15.50 20.46
C PHE A 516 28.85 15.90 20.82
N GLY A 517 29.66 14.93 21.22
CA GLY A 517 30.97 15.21 21.74
C GLY A 517 32.03 15.33 20.65
N PRO A 518 33.21 15.80 21.03
CA PRO A 518 34.30 15.97 20.05
C PRO A 518 35.02 14.65 19.81
N MET A 519 35.85 14.66 18.75
CA MET A 519 36.63 13.49 18.36
CA MET A 519 36.62 13.49 18.36
C MET A 519 37.97 13.95 17.83
N ASP A 520 38.97 13.09 18.00
CA ASP A 520 40.32 13.32 17.49
C ASP A 520 40.45 12.57 16.17
N PHE A 521 39.95 13.20 15.10
CA PHE A 521 39.85 12.52 13.82
C PHE A 521 41.20 12.15 13.22
N LYS A 522 42.29 12.81 13.64
CA LYS A 522 43.60 12.45 13.15
C LYS A 522 43.96 11.03 13.56
N ALA A 523 43.95 10.74 14.86
CA ALA A 523 44.20 9.38 15.31
C ALA A 523 43.15 8.42 14.77
N TYR A 524 41.90 8.87 14.64
CA TYR A 524 40.86 8.04 14.07
C TYR A 524 41.23 7.56 12.67
N ALA A 525 41.57 8.51 11.78
CA ALA A 525 42.00 8.13 10.44
C ALA A 525 43.25 7.26 10.48
N GLU A 526 44.22 7.62 11.32
CA GLU A 526 45.48 6.88 11.38
C GLU A 526 45.26 5.45 11.87
N SER A 527 44.24 5.21 12.69
CA SER A 527 43.98 3.86 13.17
C SER A 527 43.54 2.93 12.05
N PHE A 528 43.01 3.47 10.95
CA PHE A 528 42.66 2.67 9.79
C PHE A 528 43.86 2.32 8.90
N GLY A 529 45.03 2.86 9.20
CA GLY A 529 46.17 2.74 8.32
C GLY A 529 46.25 3.82 7.25
N ALA A 530 45.47 4.88 7.38
CA ALA A 530 45.47 5.99 6.44
C ALA A 530 46.17 7.19 7.08
N LYS A 531 46.50 8.16 6.25
CA LYS A 531 47.15 9.38 6.74
C LYS A 531 46.11 10.31 7.35
N GLY A 532 46.38 10.76 8.56
CA GLY A 532 45.47 11.62 9.30
C GLY A 532 46.07 13.01 9.47
N PHE A 533 45.24 14.03 9.29
CA PHE A 533 45.65 15.41 9.39
C PHE A 533 44.67 16.17 10.27
N ALA A 534 45.21 17.04 11.12
CA ALA A 534 44.41 17.87 12.02
C ALA A 534 44.79 19.33 11.79
N VAL A 535 43.85 20.12 11.28
CA VAL A 535 44.11 21.54 11.07
C VAL A 535 44.22 22.19 12.44
N GLU A 536 45.46 22.39 12.90
CA GLU A 536 45.70 22.95 14.22
C GLU A 536 45.60 24.48 14.25
N SER A 537 45.82 25.14 13.11
CA SER A 537 45.79 26.60 13.07
C SER A 537 45.20 27.05 11.74
N ALA A 538 44.73 28.30 11.73
CA ALA A 538 44.11 28.86 10.53
C ALA A 538 45.12 28.97 9.39
N GLU A 539 46.40 29.15 9.70
CA GLU A 539 47.42 29.23 8.66
C GLU A 539 47.78 27.86 8.09
N ALA A 540 47.46 26.77 8.79
CA ALA A 540 47.92 25.45 8.40
C ALA A 540 46.98 24.69 7.48
N LEU A 541 45.76 25.19 7.20
CA LEU A 541 44.84 24.41 6.39
C LEU A 541 45.36 24.24 4.97
N GLU A 542 45.67 25.34 4.28
CA GLU A 542 46.25 25.22 2.95
C GLU A 542 47.55 24.43 2.99
N PRO A 543 48.52 24.76 3.84
CA PRO A 543 49.67 23.85 4.01
C PRO A 543 49.26 22.41 4.28
N THR A 544 48.23 22.21 5.10
CA THR A 544 47.79 20.85 5.43
C THR A 544 47.07 20.20 4.24
N LEU A 545 46.09 20.91 3.68
CA LEU A 545 45.40 20.38 2.50
C LEU A 545 46.37 20.14 1.35
N ARG A 546 47.32 21.05 1.15
CA ARG A 546 48.36 20.83 0.17
C ARG A 546 49.11 19.54 0.47
N ALA A 547 49.50 19.35 1.73
CA ALA A 547 50.19 18.12 2.11
C ALA A 547 49.27 16.92 1.98
N ALA A 548 48.00 17.08 2.34
CA ALA A 548 47.05 15.97 2.26
C ALA A 548 46.79 15.58 0.81
N MET A 549 46.73 16.57 -0.09
CA MET A 549 46.61 16.28 -1.51
C MET A 549 47.82 15.50 -2.00
N ASP A 550 49.01 15.89 -1.56
CA ASP A 550 50.24 15.22 -1.98
C ASP A 550 50.32 13.79 -1.48
N VAL A 551 49.43 13.37 -0.58
CA VAL A 551 49.36 11.98 -0.18
C VAL A 551 48.84 11.15 -1.35
N ASP A 552 49.54 10.08 -1.66
CA ASP A 552 49.14 9.17 -2.73
C ASP A 552 48.33 8.00 -2.14
N GLY A 553 47.21 8.36 -1.52
CA GLY A 553 46.37 7.38 -0.87
C GLY A 553 45.32 8.04 0.01
N PRO A 554 44.64 7.24 0.83
CA PRO A 554 43.59 7.79 1.69
C PRO A 554 44.15 8.81 2.67
N ALA A 555 43.42 9.91 2.83
CA ALA A 555 43.79 10.96 3.77
C ALA A 555 42.52 11.62 4.31
N VAL A 556 42.57 12.01 5.58
CA VAL A 556 41.47 12.70 6.24
C VAL A 556 41.98 13.98 6.84
N VAL A 557 41.19 15.04 6.73
CA VAL A 557 41.54 16.37 7.27
C VAL A 557 40.35 16.88 8.06
N ALA A 558 40.54 17.04 9.37
CA ALA A 558 39.52 17.64 10.22
C ALA A 558 39.68 19.16 10.20
N ILE A 559 38.58 19.85 9.90
CA ILE A 559 38.62 21.30 9.74
C ILE A 559 37.61 21.94 10.68
N PRO A 560 38.02 22.39 11.87
CA PRO A 560 37.09 23.11 12.74
C PRO A 560 36.53 24.35 12.04
N VAL A 561 35.20 24.47 12.05
CA VAL A 561 34.50 25.51 11.31
C VAL A 561 33.66 26.32 12.29
N ASP A 562 33.47 27.60 11.94
CA ASP A 562 32.65 28.53 12.73
C ASP A 562 31.38 28.80 11.93
N TYR A 563 30.28 28.16 12.33
CA TYR A 563 29.01 28.29 11.63
C TYR A 563 28.21 29.49 12.11
N ARG A 564 28.84 30.42 12.83
CA ARG A 564 28.11 31.57 13.36
C ARG A 564 27.40 32.35 12.26
N ASP A 565 27.99 32.41 11.06
CA ASP A 565 27.43 33.15 9.95
C ASP A 565 26.43 32.36 9.13
N ASN A 566 26.15 31.11 9.50
CA ASN A 566 25.19 30.30 8.76
C ASN A 566 23.86 30.99 8.58
N PRO A 567 23.25 31.59 9.61
CA PRO A 567 21.96 32.28 9.39
C PRO A 567 21.98 33.26 8.24
N LEU A 568 23.12 33.87 7.95
CA LEU A 568 23.21 34.80 6.83
C LEU A 568 23.03 34.06 5.51
N LEU A 569 23.70 32.92 5.35
CA LEU A 569 23.59 32.16 4.12
C LEU A 569 22.24 31.48 4.00
N MET A 570 21.74 30.90 5.10
CA MET A 570 20.50 30.14 5.06
C MET A 570 19.29 31.02 4.79
N GLY A 571 19.38 32.33 5.06
CA GLY A 571 18.32 33.24 4.67
C GLY A 571 18.15 33.35 3.17
N GLN A 572 19.15 32.93 2.40
CA GLN A 572 19.09 32.96 0.94
C GLN A 572 18.43 31.73 0.36
N LEU A 573 17.84 30.87 1.20
CA LEU A 573 17.20 29.65 0.75
C LEU A 573 15.70 29.87 0.57
N HIS A 574 15.06 28.91 -0.08
CA HIS A 574 13.62 28.94 -0.27
C HIS A 574 12.90 28.53 1.01
N PRO B 16 -3.21 -41.06 17.48
CA PRO B 16 -2.98 -40.67 18.88
C PRO B 16 -2.91 -39.16 19.06
N ARG B 17 -1.76 -38.57 18.75
CA ARG B 17 -1.60 -37.12 18.83
C ARG B 17 -2.22 -36.45 17.61
N GLY B 18 -2.33 -35.13 17.67
CA GLY B 18 -2.94 -34.38 16.58
C GLY B 18 -2.11 -34.42 15.31
N SER B 19 -0.80 -34.61 15.42
CA SER B 19 0.10 -34.62 14.28
C SER B 19 0.84 -35.94 14.15
N HIS B 20 0.21 -37.03 14.56
CA HIS B 20 0.83 -38.34 14.44
C HIS B 20 0.84 -38.82 13.00
N MET B 21 1.90 -39.55 12.63
CA MET B 21 2.03 -40.13 11.31
C MET B 21 1.37 -41.50 11.20
N ASP B 22 0.37 -41.78 12.04
CA ASP B 22 -0.33 -43.06 11.99
C ASP B 22 -1.66 -42.86 12.73
N LYS B 23 -2.74 -42.73 11.97
CA LYS B 23 -4.04 -42.36 12.52
C LYS B 23 -5.07 -42.48 11.40
N GLN B 24 -6.34 -42.22 11.74
CA GLN B 24 -7.38 -42.08 10.74
C GLN B 24 -7.08 -40.96 9.75
N TYR B 25 -6.09 -40.11 10.03
CA TYR B 25 -5.59 -39.11 9.10
C TYR B 25 -4.19 -39.52 8.65
N PRO B 26 -4.06 -40.51 7.77
CA PRO B 26 -2.75 -41.07 7.45
C PRO B 26 -1.95 -40.19 6.51
N VAL B 27 -0.62 -40.32 6.62
CA VAL B 27 0.32 -39.61 5.74
C VAL B 27 0.39 -40.39 4.43
N ARG B 28 -0.29 -39.90 3.40
CA ARG B 28 -0.39 -40.61 2.13
C ARG B 28 0.54 -39.99 1.09
N GLN B 29 0.80 -40.76 0.03
CA GLN B 29 1.38 -40.25 -1.20
C GLN B 29 0.21 -39.99 -2.14
N TRP B 30 -0.27 -38.75 -2.15
CA TRP B 30 -1.47 -38.40 -2.90
C TRP B 30 -1.13 -38.26 -4.38
N ALA B 31 -1.97 -38.86 -5.22
CA ALA B 31 -1.76 -38.75 -6.66
C ALA B 31 -1.97 -37.32 -7.14
N HIS B 32 -2.87 -36.58 -6.50
CA HIS B 32 -3.18 -35.21 -6.89
C HIS B 32 -3.35 -34.35 -5.63
N GLY B 33 -2.70 -33.19 -5.62
CA GLY B 33 -2.91 -32.27 -4.52
C GLY B 33 -4.38 -31.98 -4.26
N ALA B 34 -5.19 -32.00 -5.32
CA ALA B 34 -6.62 -31.80 -5.17
C ALA B 34 -7.24 -32.84 -4.24
N ASP B 35 -6.73 -34.07 -4.26
CA ASP B 35 -7.26 -35.09 -3.37
C ASP B 35 -7.02 -34.73 -1.91
N LEU B 36 -5.83 -34.24 -1.59
CA LEU B 36 -5.55 -33.81 -0.23
C LEU B 36 -6.40 -32.60 0.15
N VAL B 37 -6.58 -31.67 -0.80
CA VAL B 37 -7.44 -30.51 -0.55
C VAL B 37 -8.84 -30.96 -0.16
N VAL B 38 -9.39 -31.92 -0.91
CA VAL B 38 -10.75 -32.37 -0.65
C VAL B 38 -10.83 -33.09 0.70
N SER B 39 -9.83 -33.91 1.01
CA SER B 39 -9.82 -34.59 2.31
C SER B 39 -9.74 -33.57 3.44
N GLN B 40 -8.96 -32.51 3.25
CA GLN B 40 -8.90 -31.46 4.27
C GLN B 40 -10.26 -30.79 4.45
N LEU B 41 -10.96 -30.54 3.34
CA LEU B 41 -12.30 -29.96 3.44
C LEU B 41 -13.23 -30.85 4.24
N GLU B 42 -13.18 -32.17 4.00
CA GLU B 42 -13.99 -33.09 4.78
C GLU B 42 -13.68 -32.99 6.26
N ALA B 43 -12.40 -32.89 6.62
CA ALA B 43 -12.03 -32.73 8.01
C ALA B 43 -12.61 -31.46 8.61
N GLN B 44 -12.80 -30.43 7.79
CA GLN B 44 -13.36 -29.17 8.27
C GLN B 44 -14.88 -29.22 8.42
N GLY B 45 -15.52 -30.30 7.99
CA GLY B 45 -16.97 -30.40 8.06
C GLY B 45 -17.70 -29.72 6.93
N VAL B 46 -17.02 -29.42 5.82
CA VAL B 46 -17.66 -28.76 4.69
C VAL B 46 -18.69 -29.70 4.08
N ARG B 47 -19.92 -29.21 3.94
CA ARG B 47 -21.00 -30.01 3.37
C ARG B 47 -21.24 -29.73 1.89
N GLN B 48 -20.96 -28.53 1.41
CA GLN B 48 -21.10 -28.23 -0.01
C GLN B 48 -20.08 -27.18 -0.41
N VAL B 49 -19.93 -27.01 -1.72
CA VAL B 49 -19.04 -26.01 -2.30
C VAL B 49 -19.82 -25.25 -3.36
N PHE B 50 -19.73 -23.93 -3.34
CA PHE B 50 -20.37 -23.07 -4.33
C PHE B 50 -19.31 -22.50 -5.27
N GLY B 51 -19.62 -22.44 -6.56
CA GLY B 51 -18.71 -21.77 -7.47
C GLY B 51 -18.94 -22.19 -8.91
N ILE B 52 -17.93 -21.91 -9.73
CA ILE B 52 -17.96 -22.15 -11.17
C ILE B 52 -16.61 -22.75 -11.56
N PRO B 53 -16.58 -23.86 -12.29
CA PRO B 53 -15.31 -24.52 -12.58
C PRO B 53 -14.55 -23.87 -13.73
N GLY B 54 -13.28 -24.25 -13.83
CA GLY B 54 -12.43 -23.80 -14.92
C GLY B 54 -11.23 -24.71 -15.01
N ALA B 55 -10.47 -24.53 -16.10
CA ALA B 55 -9.38 -25.45 -16.39
C ALA B 55 -8.37 -25.51 -15.26
N LYS B 56 -8.00 -24.36 -14.70
CA LYS B 56 -6.95 -24.34 -13.68
C LYS B 56 -7.39 -25.04 -12.41
N ILE B 57 -8.69 -25.09 -12.13
CA ILE B 57 -9.22 -25.59 -10.87
C ILE B 57 -10.10 -26.81 -11.05
N ASP B 58 -10.26 -27.32 -12.27
CA ASP B 58 -11.22 -28.40 -12.52
C ASP B 58 -10.84 -29.70 -11.81
N LYS B 59 -9.59 -29.86 -11.36
CA LYS B 59 -9.24 -31.09 -10.67
C LYS B 59 -9.86 -31.14 -9.28
N VAL B 60 -10.01 -29.99 -8.61
CA VAL B 60 -10.69 -29.98 -7.32
C VAL B 60 -12.16 -30.30 -7.50
N PHE B 61 -12.80 -29.71 -8.52
CA PHE B 61 -14.17 -30.10 -8.85
C PHE B 61 -14.25 -31.59 -9.12
N ASP B 62 -13.28 -32.12 -9.87
CA ASP B 62 -13.28 -33.55 -10.19
C ASP B 62 -13.13 -34.39 -8.91
N SER B 63 -12.18 -34.03 -8.05
CA SER B 63 -11.96 -34.79 -6.83
C SER B 63 -13.18 -34.77 -5.92
N LEU B 64 -13.97 -33.68 -5.97
CA LEU B 64 -15.16 -33.60 -5.14
C LEU B 64 -16.22 -34.61 -5.54
N LEU B 65 -16.12 -35.18 -6.75
CA LEU B 65 -17.07 -36.21 -7.17
C LEU B 65 -16.94 -37.44 -6.29
N ASP B 66 -15.72 -37.81 -5.90
CA ASP B 66 -15.47 -38.95 -5.03
C ASP B 66 -15.67 -38.62 -3.55
N SER B 67 -16.32 -37.49 -3.24
CA SER B 67 -16.46 -37.02 -1.88
C SER B 67 -17.94 -36.89 -1.53
N SER B 68 -18.22 -36.90 -0.23
CA SER B 68 -19.56 -36.61 0.24
C SER B 68 -19.92 -35.13 0.08
N ILE B 69 -18.95 -34.27 -0.19
CA ILE B 69 -19.21 -32.85 -0.35
C ILE B 69 -19.99 -32.64 -1.64
N ARG B 70 -21.00 -31.79 -1.56
CA ARG B 70 -21.90 -31.54 -2.69
C ARG B 70 -21.40 -30.36 -3.50
N ILE B 71 -21.36 -30.53 -4.82
CA ILE B 71 -20.97 -29.47 -5.74
C ILE B 71 -22.24 -28.71 -6.14
N ILE B 72 -22.24 -27.41 -5.91
CA ILE B 72 -23.36 -26.55 -6.26
C ILE B 72 -22.86 -25.49 -7.24
N PRO B 73 -23.06 -25.68 -8.55
CA PRO B 73 -22.70 -24.64 -9.50
C PRO B 73 -23.59 -23.42 -9.37
N VAL B 74 -22.97 -22.25 -9.35
CA VAL B 74 -23.70 -20.98 -9.40
C VAL B 74 -23.53 -20.39 -10.79
N ARG B 75 -24.25 -19.28 -11.04
CA ARG B 75 -24.21 -18.62 -12.33
C ARG B 75 -23.33 -17.37 -12.32
N HIS B 76 -22.93 -16.88 -11.15
CA HIS B 76 -21.96 -15.81 -11.05
C HIS B 76 -21.19 -16.01 -9.75
N GLU B 77 -19.85 -15.96 -9.83
CA GLU B 77 -19.02 -16.30 -8.69
C GLU B 77 -19.36 -15.44 -7.48
N ALA B 78 -19.67 -14.16 -7.69
CA ALA B 78 -19.97 -13.28 -6.56
C ALA B 78 -21.01 -13.89 -5.65
N ASN B 79 -22.02 -14.55 -6.22
CA ASN B 79 -23.08 -15.14 -5.42
C ASN B 79 -22.63 -16.40 -4.70
N ALA B 80 -21.56 -17.05 -5.17
CA ALA B 80 -20.97 -18.14 -4.40
C ALA B 80 -20.44 -17.63 -3.08
N ALA B 81 -19.81 -16.45 -3.09
CA ALA B 81 -19.33 -15.85 -1.84
C ALA B 81 -20.49 -15.46 -0.94
N PHE B 82 -21.60 -15.00 -1.52
CA PHE B 82 -22.76 -14.63 -0.72
C PHE B 82 -23.39 -15.87 -0.08
N MET B 83 -23.62 -16.92 -0.88
CA MET B 83 -24.14 -18.17 -0.32
C MET B 83 -23.22 -18.71 0.77
N ALA B 84 -21.90 -18.67 0.53
CA ALA B 84 -20.96 -19.16 1.51
C ALA B 84 -21.09 -18.40 2.83
N ALA B 85 -21.28 -17.08 2.75
CA ALA B 85 -21.38 -16.28 3.97
C ALA B 85 -22.60 -16.67 4.79
N ALA B 86 -23.73 -16.90 4.12
CA ALA B 86 -24.93 -17.34 4.83
C ALA B 86 -24.69 -18.65 5.56
N VAL B 87 -24.07 -19.61 4.87
CA VAL B 87 -23.71 -20.88 5.52
C VAL B 87 -22.83 -20.62 6.72
N GLY B 88 -21.87 -19.71 6.60
CA GLY B 88 -20.97 -19.46 7.71
C GLY B 88 -21.66 -18.85 8.90
N ARG B 89 -22.55 -17.89 8.67
CA ARG B 89 -23.23 -17.22 9.77
C ARG B 89 -24.09 -18.18 10.57
N ILE B 90 -24.79 -19.08 9.88
CA ILE B 90 -25.74 -19.97 10.54
C ILE B 90 -25.01 -21.08 11.28
N THR B 91 -24.06 -21.75 10.62
CA THR B 91 -23.42 -22.91 11.20
C THR B 91 -22.22 -22.59 12.07
N GLY B 92 -21.60 -21.42 11.88
CA GLY B 92 -20.37 -21.08 12.57
C GLY B 92 -19.12 -21.65 11.94
N LYS B 93 -19.25 -22.58 10.99
CA LYS B 93 -18.13 -23.08 10.20
C LYS B 93 -18.19 -22.48 8.80
N ALA B 94 -17.01 -22.25 8.23
CA ALA B 94 -16.89 -21.44 7.03
C ALA B 94 -17.62 -22.07 5.85
N GLY B 95 -18.41 -21.26 5.15
CA GLY B 95 -18.86 -21.64 3.83
C GLY B 95 -17.73 -21.55 2.82
N VAL B 96 -17.82 -22.36 1.77
CA VAL B 96 -16.71 -22.56 0.84
C VAL B 96 -17.14 -22.15 -0.56
N ALA B 97 -16.36 -21.28 -1.18
CA ALA B 97 -16.50 -20.95 -2.59
C ALA B 97 -15.31 -21.53 -3.36
N LEU B 98 -15.56 -21.99 -4.58
CA LEU B 98 -14.53 -22.63 -5.39
C LEU B 98 -14.62 -22.06 -6.80
N VAL B 99 -13.58 -21.34 -7.23
CA VAL B 99 -13.59 -20.65 -8.51
C VAL B 99 -12.28 -20.92 -9.22
N THR B 100 -12.25 -20.59 -10.51
CA THR B 100 -11.05 -20.75 -11.31
C THR B 100 -10.25 -19.44 -11.28
N SER B 101 -9.11 -19.45 -11.96
CA SER B 101 -8.19 -18.33 -11.93
C SER B 101 -8.74 -17.15 -12.72
N GLY B 102 -8.02 -16.02 -12.63
CA GLY B 102 -8.35 -14.84 -13.38
C GLY B 102 -9.69 -14.25 -12.99
N PRO B 103 -10.57 -14.01 -13.97
CA PRO B 103 -11.87 -13.39 -13.64
C PRO B 103 -12.72 -14.24 -12.71
N GLY B 104 -12.46 -15.54 -12.62
CA GLY B 104 -13.13 -16.35 -11.63
C GLY B 104 -12.86 -15.87 -10.21
N CYS B 105 -11.62 -15.49 -9.93
CA CYS B 105 -11.25 -14.98 -8.60
C CYS B 105 -11.72 -13.54 -8.43
N SER B 106 -11.44 -12.66 -9.39
CA SER B 106 -11.77 -11.26 -9.23
C SER B 106 -13.28 -11.05 -9.10
N ASN B 107 -14.08 -11.96 -9.63
CA ASN B 107 -15.54 -11.89 -9.47
C ASN B 107 -15.99 -12.17 -8.03
N LEU B 108 -15.10 -12.64 -7.16
CA LEU B 108 -15.43 -12.93 -5.77
C LEU B 108 -15.22 -11.74 -4.84
N ILE B 109 -14.49 -10.71 -5.27
CA ILE B 109 -13.92 -9.75 -4.33
C ILE B 109 -15.00 -9.03 -3.54
N THR B 110 -16.06 -8.58 -4.22
CA THR B 110 -17.12 -7.87 -3.51
C THR B 110 -17.78 -8.77 -2.47
N GLY B 111 -18.03 -10.04 -2.83
CA GLY B 111 -18.63 -10.95 -1.87
C GLY B 111 -17.75 -11.21 -0.68
N MET B 112 -16.44 -11.36 -0.91
CA MET B 112 -15.53 -11.60 0.21
C MET B 112 -15.45 -10.39 1.13
N ALA B 113 -15.51 -9.18 0.57
CA ALA B 113 -15.53 -7.99 1.40
C ALA B 113 -16.80 -7.92 2.24
N THR B 114 -17.95 -8.24 1.64
CA THR B 114 -19.20 -8.23 2.38
C THR B 114 -19.17 -9.24 3.52
N ALA B 115 -18.59 -10.42 3.27
CA ALA B 115 -18.47 -11.43 4.32
C ALA B 115 -17.54 -10.95 5.43
N ASN B 116 -16.39 -10.41 5.06
CA ASN B 116 -15.42 -9.96 6.06
C ASN B 116 -16.01 -8.84 6.91
N SER B 117 -16.76 -7.94 6.30
CA SER B 117 -17.33 -6.81 7.06
C SER B 117 -18.34 -7.30 8.10
N GLU B 118 -19.15 -8.30 7.76
CA GLU B 118 -20.17 -8.79 8.66
C GLU B 118 -19.67 -9.86 9.62
N GLY B 119 -18.43 -10.30 9.47
CA GLY B 119 -17.91 -11.35 10.34
C GLY B 119 -18.41 -12.73 10.00
N ASP B 120 -18.69 -12.99 8.72
CA ASP B 120 -19.17 -14.30 8.30
C ASP B 120 -17.98 -15.15 7.87
N PRO B 121 -17.78 -16.34 8.46
CA PRO B 121 -16.65 -17.17 8.06
C PRO B 121 -16.84 -17.72 6.66
N VAL B 122 -15.90 -17.41 5.77
CA VAL B 122 -15.94 -17.85 4.37
C VAL B 122 -14.52 -18.20 3.95
N VAL B 123 -14.37 -19.35 3.32
CA VAL B 123 -13.11 -19.75 2.69
C VAL B 123 -13.35 -19.84 1.19
N ALA B 124 -12.58 -19.08 0.43
CA ALA B 124 -12.62 -19.11 -1.03
C ALA B 124 -11.35 -19.78 -1.53
N LEU B 125 -11.50 -20.84 -2.31
CA LEU B 125 -10.40 -21.52 -2.96
C LEU B 125 -10.40 -21.12 -4.43
N GLY B 126 -9.38 -20.38 -4.84
CA GLY B 126 -9.29 -19.85 -6.19
C GLY B 126 -8.13 -20.48 -6.95
N GLY B 127 -8.41 -20.91 -8.16
CA GLY B 127 -7.39 -21.46 -9.01
C GLY B 127 -6.39 -20.40 -9.45
N ALA B 128 -5.24 -20.87 -9.93
CA ALA B 128 -4.19 -19.99 -10.41
C ALA B 128 -3.38 -20.73 -11.46
N VAL B 129 -2.69 -19.96 -12.29
CA VAL B 129 -1.85 -20.56 -13.31
C VAL B 129 -0.74 -21.38 -12.65
N LYS B 130 -0.13 -22.24 -13.45
CA LYS B 130 1.02 -23.01 -12.98
C LYS B 130 2.06 -22.08 -12.38
N ARG B 131 2.80 -22.60 -11.40
CA ARG B 131 3.83 -21.79 -10.74
C ARG B 131 4.86 -21.27 -11.74
N ALA B 132 5.22 -22.09 -12.73
CA ALA B 132 6.21 -21.68 -13.71
C ALA B 132 5.70 -20.52 -14.56
N ASP B 133 4.39 -20.41 -14.74
CA ASP B 133 3.81 -19.35 -15.56
C ASP B 133 3.52 -18.08 -14.80
N LYS B 134 3.75 -18.05 -13.48
CA LYS B 134 3.56 -16.83 -12.72
C LYS B 134 4.64 -15.79 -13.02
N ALA B 135 5.82 -16.22 -13.47
CA ALA B 135 6.91 -15.31 -13.77
C ALA B 135 6.77 -14.75 -15.18
N LYS B 136 5.57 -14.29 -15.53
CA LYS B 136 5.30 -13.77 -16.87
C LYS B 136 3.88 -13.24 -16.95
N GLN B 137 3.42 -12.92 -18.16
CA GLN B 137 2.07 -12.40 -18.39
C GLN B 137 1.32 -13.42 -19.25
N VAL B 138 0.54 -14.28 -18.61
CA VAL B 138 -0.24 -15.30 -19.32
C VAL B 138 -1.73 -14.96 -19.18
N HIS B 139 -2.59 -15.89 -19.58
CA HIS B 139 -4.02 -15.63 -19.58
C HIS B 139 -4.55 -15.21 -18.22
N GLN B 140 -3.87 -15.56 -17.14
CA GLN B 140 -4.30 -15.20 -15.79
C GLN B 140 -3.08 -14.92 -14.91
N SER B 141 -2.26 -13.95 -15.31
CA SER B 141 -1.14 -13.53 -14.48
C SER B 141 -1.62 -12.51 -13.45
N MET B 142 -2.68 -12.86 -12.72
CA MET B 142 -3.38 -11.95 -11.84
C MET B 142 -2.92 -12.17 -10.40
N ASP B 143 -2.40 -11.12 -9.77
CA ASP B 143 -1.92 -11.19 -8.38
C ASP B 143 -3.14 -11.14 -7.46
N THR B 144 -3.77 -12.30 -7.28
CA THR B 144 -5.02 -12.36 -6.52
C THR B 144 -4.79 -12.09 -5.04
N VAL B 145 -3.66 -12.56 -4.49
CA VAL B 145 -3.38 -12.32 -3.08
C VAL B 145 -3.35 -10.83 -2.78
N ALA B 146 -2.70 -10.04 -3.65
CA ALA B 146 -2.67 -8.60 -3.44
C ALA B 146 -4.06 -7.99 -3.53
N MET B 147 -4.93 -8.55 -4.37
CA MET B 147 -6.27 -8.01 -4.55
C MET B 147 -7.20 -8.39 -3.41
N PHE B 148 -7.04 -9.58 -2.84
CA PHE B 148 -7.91 -10.04 -1.76
C PHE B 148 -7.44 -9.60 -0.37
N SER B 149 -6.16 -9.29 -0.20
CA SER B 149 -5.65 -8.92 1.11
C SER B 149 -6.44 -7.80 1.78
N PRO B 150 -6.81 -6.71 1.10
CA PRO B 150 -7.51 -5.61 1.79
C PRO B 150 -8.93 -5.97 2.22
N VAL B 151 -9.49 -7.10 1.79
CA VAL B 151 -10.89 -7.41 2.08
C VAL B 151 -11.02 -8.80 2.68
N THR B 152 -9.94 -9.32 3.24
CA THR B 152 -9.96 -10.62 3.88
C THR B 152 -9.14 -10.57 5.16
N LYS B 153 -9.46 -11.48 6.09
CA LYS B 153 -8.60 -11.72 7.23
C LYS B 153 -7.33 -12.45 6.82
N TYR B 154 -7.36 -13.15 5.68
CA TYR B 154 -6.34 -14.12 5.34
C TYR B 154 -6.34 -14.34 3.84
N ALA B 155 -5.19 -14.17 3.22
CA ALA B 155 -5.04 -14.41 1.79
C ALA B 155 -3.62 -14.90 1.54
N ILE B 156 -3.50 -16.07 0.92
CA ILE B 156 -2.20 -16.69 0.69
C ILE B 156 -2.29 -17.58 -0.53
N GLU B 157 -1.15 -17.80 -1.17
CA GLU B 157 -1.02 -18.70 -2.31
C GLU B 157 -0.13 -19.87 -1.94
N VAL B 158 -0.56 -21.07 -2.32
CA VAL B 158 0.22 -22.28 -2.04
C VAL B 158 1.30 -22.40 -3.10
N THR B 159 2.54 -22.12 -2.71
CA THR B 159 3.68 -22.24 -3.60
C THR B 159 4.46 -23.54 -3.40
N ALA B 160 4.36 -24.16 -2.23
CA ALA B 160 4.98 -25.44 -1.96
C ALA B 160 3.91 -26.50 -1.82
N PRO B 161 3.91 -27.57 -2.62
CA PRO B 161 2.85 -28.59 -2.48
C PRO B 161 2.80 -29.22 -1.10
N ASP B 162 3.90 -29.20 -0.34
CA ASP B 162 3.87 -29.79 1.00
C ASP B 162 2.96 -29.02 1.94
N ALA B 163 2.88 -27.70 1.80
CA ALA B 163 2.07 -26.87 2.67
C ALA B 163 0.61 -26.79 2.23
N LEU B 164 0.18 -27.69 1.33
CA LEU B 164 -1.17 -27.61 0.77
C LEU B 164 -2.23 -27.73 1.86
N ALA B 165 -2.20 -28.82 2.62
CA ALA B 165 -3.19 -29.00 3.67
C ALA B 165 -3.03 -27.97 4.78
N GLU B 166 -1.79 -27.59 5.08
CA GLU B 166 -1.55 -26.56 6.09
C GLU B 166 -2.25 -25.26 5.72
N VAL B 167 -2.10 -24.83 4.46
CA VAL B 167 -2.67 -23.55 4.04
C VAL B 167 -4.19 -23.59 4.10
N VAL B 168 -4.78 -24.69 3.64
CA VAL B 168 -6.24 -24.80 3.70
C VAL B 168 -6.71 -24.82 5.15
N SER B 169 -6.04 -25.58 6.01
CA SER B 169 -6.40 -25.62 7.42
C SER B 169 -6.31 -24.24 8.05
N ASN B 170 -5.21 -23.52 7.78
CA ASN B 170 -5.05 -22.18 8.34
C ASN B 170 -6.10 -21.22 7.81
N ALA B 171 -6.59 -21.45 6.59
CA ALA B 171 -7.63 -20.57 6.04
C ALA B 171 -8.92 -20.70 6.83
N PHE B 172 -9.33 -21.94 7.13
CA PHE B 172 -10.50 -22.15 7.97
C PHE B 172 -10.27 -21.63 9.38
N ARG B 173 -9.07 -21.81 9.90
CA ARG B 173 -8.74 -21.30 11.23
C ARG B 173 -8.85 -19.79 11.28
N ALA B 174 -8.33 -19.10 10.27
CA ALA B 174 -8.44 -17.65 10.23
C ALA B 174 -9.89 -17.21 10.07
N ALA B 175 -10.67 -17.94 9.28
CA ALA B 175 -12.03 -17.53 8.98
C ALA B 175 -12.96 -17.74 10.18
N GLU B 176 -12.77 -18.83 10.92
CA GLU B 176 -13.73 -19.23 11.95
C GLU B 176 -13.37 -18.74 13.34
N GLN B 177 -12.08 -18.54 13.65
CA GLN B 177 -11.65 -18.23 15.00
C GLN B 177 -11.51 -16.73 15.20
N GLY B 178 -11.41 -16.33 16.46
CA GLY B 178 -11.42 -14.92 16.81
C GLY B 178 -12.70 -14.28 16.33
N ARG B 179 -12.57 -13.06 15.80
CA ARG B 179 -13.68 -12.42 15.11
C ARG B 179 -13.72 -12.99 13.69
N PRO B 180 -14.72 -13.79 13.34
CA PRO B 180 -14.69 -14.50 12.06
C PRO B 180 -14.58 -13.55 10.87
N GLY B 181 -14.11 -14.09 9.76
CA GLY B 181 -13.96 -13.32 8.55
C GLY B 181 -13.75 -14.21 7.35
N SER B 182 -13.47 -13.57 6.22
CA SER B 182 -13.27 -14.29 4.96
C SER B 182 -11.80 -14.61 4.74
N ALA B 183 -11.55 -15.70 4.05
CA ALA B 183 -10.18 -16.15 3.76
C ALA B 183 -10.11 -16.65 2.33
N PHE B 184 -8.99 -16.34 1.67
CA PHE B 184 -8.77 -16.68 0.27
C PHE B 184 -7.50 -17.52 0.15
N VAL B 185 -7.59 -18.61 -0.63
CA VAL B 185 -6.45 -19.47 -0.89
C VAL B 185 -6.30 -19.59 -2.40
N SER B 186 -5.12 -19.24 -2.92
CA SER B 186 -4.82 -19.39 -4.33
C SER B 186 -4.10 -20.73 -4.56
N LEU B 187 -4.63 -21.54 -5.47
CA LEU B 187 -4.12 -22.87 -5.72
C LEU B 187 -3.57 -22.99 -7.14
N PRO B 188 -2.26 -22.90 -7.34
CA PRO B 188 -1.71 -23.08 -8.69
C PRO B 188 -2.12 -24.42 -9.29
N GLN B 189 -2.33 -24.40 -10.61
CA GLN B 189 -2.83 -25.58 -11.30
C GLN B 189 -1.93 -26.79 -11.10
N ASP B 190 -0.62 -26.61 -11.21
CA ASP B 190 0.29 -27.74 -11.12
C ASP B 190 0.33 -28.33 -9.71
N VAL B 191 0.03 -27.51 -8.70
CA VAL B 191 0.05 -28.02 -7.32
C VAL B 191 -1.13 -28.95 -7.08
N VAL B 192 -2.31 -28.57 -7.55
CA VAL B 192 -3.50 -29.41 -7.34
C VAL B 192 -3.55 -30.60 -8.28
N ASP B 193 -2.87 -30.53 -9.43
CA ASP B 193 -2.84 -31.63 -10.37
C ASP B 193 -1.75 -32.64 -10.05
N GLY B 194 -0.60 -32.16 -9.58
CA GLY B 194 0.53 -33.03 -9.34
C GLY B 194 0.44 -33.74 -8.01
N PRO B 195 1.33 -34.70 -7.81
CA PRO B 195 1.33 -35.47 -6.57
C PRO B 195 1.89 -34.69 -5.39
N VAL B 196 1.41 -35.05 -4.20
CA VAL B 196 1.87 -34.42 -2.97
C VAL B 196 2.02 -35.49 -1.91
N SER B 197 2.89 -35.22 -0.94
CA SER B 197 3.12 -36.10 0.21
C SER B 197 2.79 -35.31 1.47
N GLY B 198 1.69 -35.69 2.13
CA GLY B 198 1.28 -34.99 3.33
C GLY B 198 0.09 -35.68 3.96
N LYS B 199 -0.37 -35.10 5.06
CA LYS B 199 -1.50 -35.62 5.81
C LYS B 199 -2.51 -34.52 6.08
N VAL B 200 -3.75 -34.94 6.29
CA VAL B 200 -4.79 -34.01 6.71
C VAL B 200 -4.48 -33.50 8.11
N LEU B 201 -4.82 -32.24 8.36
CA LEU B 201 -4.66 -31.66 9.68
C LEU B 201 -6.01 -31.61 10.37
N PRO B 202 -6.25 -32.41 11.42
CA PRO B 202 -7.56 -32.38 12.07
C PRO B 202 -7.89 -30.99 12.58
N ALA B 203 -9.18 -30.66 12.54
CA ALA B 203 -9.63 -29.33 12.91
C ALA B 203 -9.56 -29.13 14.42
N SER B 204 -8.98 -28.02 14.84
CA SER B 204 -8.93 -27.63 16.25
C SER B 204 -10.02 -26.61 16.52
N GLY B 205 -10.78 -26.81 17.59
CA GLY B 205 -11.86 -25.92 17.94
C GLY B 205 -11.38 -24.57 18.42
N ALA B 206 -12.20 -23.90 19.22
CA ALA B 206 -11.80 -22.61 19.78
C ALA B 206 -10.76 -22.83 20.88
N PRO B 207 -9.89 -21.85 21.12
CA PRO B 207 -8.94 -21.99 22.23
C PRO B 207 -9.66 -22.07 23.56
N GLN B 208 -9.04 -22.79 24.51
CA GLN B 208 -9.54 -22.82 25.88
C GLN B 208 -9.05 -21.53 26.55
N MET B 209 -9.80 -20.46 26.32
CA MET B 209 -9.46 -19.14 26.83
C MET B 209 -10.01 -18.96 28.24
N GLY B 210 -9.27 -18.20 29.04
CA GLY B 210 -9.75 -17.86 30.36
C GLY B 210 -10.49 -16.54 30.39
N ALA B 211 -11.35 -16.40 31.39
CA ALA B 211 -12.08 -15.15 31.58
C ALA B 211 -11.12 -14.02 31.88
N ALA B 212 -11.62 -12.79 31.70
CA ALA B 212 -10.83 -11.63 32.08
C ALA B 212 -10.41 -11.77 33.54
N PRO B 213 -9.32 -11.12 33.95
CA PRO B 213 -8.83 -11.32 35.31
C PRO B 213 -9.86 -10.90 36.36
N ASP B 214 -9.85 -11.61 37.49
CA ASP B 214 -10.84 -11.38 38.53
C ASP B 214 -10.76 -9.95 39.05
N ASP B 215 -9.54 -9.43 39.25
CA ASP B 215 -9.40 -8.07 39.72
C ASP B 215 -10.11 -7.08 38.80
N ALA B 216 -10.23 -7.42 37.53
CA ALA B 216 -10.91 -6.56 36.56
C ALA B 216 -12.42 -6.79 36.55
N ILE B 217 -12.89 -8.04 36.66
CA ILE B 217 -14.33 -8.28 36.63
C ILE B 217 -14.97 -7.75 37.92
N ASP B 218 -14.28 -7.89 39.05
CA ASP B 218 -14.78 -7.29 40.29
C ASP B 218 -14.82 -5.77 40.15
N GLN B 219 -13.84 -5.18 39.47
CA GLN B 219 -13.86 -3.75 39.24
C GLN B 219 -15.09 -3.35 38.46
N VAL B 220 -15.47 -4.13 37.45
CA VAL B 220 -16.67 -3.83 36.67
C VAL B 220 -17.92 -4.12 37.50
N ALA B 221 -17.88 -5.19 38.30
CA ALA B 221 -19.02 -5.49 39.18
C ALA B 221 -19.26 -4.35 40.15
N LYS B 222 -18.20 -3.74 40.66
CA LYS B 222 -18.35 -2.58 41.53
C LYS B 222 -18.94 -1.39 40.78
N LEU B 223 -18.64 -1.28 39.48
CA LEU B 223 -19.22 -0.20 38.69
C LEU B 223 -20.72 -0.43 38.45
N ILE B 224 -21.13 -1.69 38.30
CA ILE B 224 -22.54 -1.98 38.09
C ILE B 224 -23.36 -1.55 39.31
N ALA B 225 -22.85 -1.84 40.51
CA ALA B 225 -23.53 -1.39 41.71
C ALA B 225 -23.59 0.13 41.77
N GLN B 226 -22.42 0.77 41.65
CA GLN B 226 -22.35 2.23 41.69
C GLN B 226 -23.15 2.87 40.56
N ALA B 227 -23.44 2.13 39.50
CA ALA B 227 -24.14 2.68 38.36
C ALA B 227 -25.64 2.73 38.61
N LYS B 228 -26.30 3.70 37.97
CA LYS B 228 -27.75 3.85 38.05
C LYS B 228 -28.43 3.83 36.69
N ASN B 229 -27.68 3.98 35.60
CA ASN B 229 -28.22 3.83 34.25
C ASN B 229 -27.28 2.98 33.41
N PRO B 230 -26.97 1.77 33.85
CA PRO B 230 -26.12 0.88 33.06
C PRO B 230 -26.88 0.30 31.88
N ILE B 231 -26.13 -0.09 30.85
CA ILE B 231 -26.72 -0.72 29.68
C ILE B 231 -25.67 -1.60 29.02
N PHE B 232 -26.13 -2.73 28.47
CA PHE B 232 -25.28 -3.62 27.70
C PHE B 232 -25.40 -3.27 26.22
N LEU B 233 -24.27 -3.17 25.54
CA LEU B 233 -24.22 -3.00 24.09
C LEU B 233 -23.63 -4.28 23.50
N LEU B 234 -24.46 -5.07 22.82
CA LEU B 234 -24.05 -6.36 22.31
C LEU B 234 -23.51 -6.22 20.89
N GLY B 235 -22.37 -6.85 20.63
CA GLY B 235 -21.79 -6.90 19.32
C GLY B 235 -21.81 -8.31 18.72
N LEU B 236 -21.12 -8.43 17.58
CA LEU B 236 -21.18 -9.67 16.80
C LEU B 236 -20.99 -10.91 17.67
N MET B 237 -19.93 -10.93 18.46
CA MET B 237 -19.59 -12.15 19.19
C MET B 237 -20.62 -12.49 20.27
N ALA B 238 -21.39 -11.52 20.75
CA ALA B 238 -22.43 -11.82 21.72
C ALA B 238 -23.52 -12.70 21.14
N SER B 239 -23.64 -12.78 19.82
CA SER B 239 -24.67 -13.57 19.18
C SER B 239 -24.23 -14.99 18.86
N GLN B 240 -22.99 -15.36 19.19
CA GLN B 240 -22.54 -16.72 18.94
C GLN B 240 -23.17 -17.67 19.96
N PRO B 241 -23.43 -18.91 19.56
CA PRO B 241 -24.12 -19.84 20.48
C PRO B 241 -23.33 -20.14 21.75
N GLU B 242 -22.00 -20.07 21.71
CA GLU B 242 -21.20 -20.35 22.90
C GLU B 242 -21.51 -19.38 24.04
N ASN B 243 -22.03 -18.19 23.71
CA ASN B 243 -22.30 -17.16 24.70
C ASN B 243 -23.79 -17.01 25.01
N SER B 244 -24.64 -17.84 24.41
CA SER B 244 -26.09 -17.68 24.59
C SER B 244 -26.49 -17.89 26.04
N LYS B 245 -26.13 -19.05 26.62
CA LYS B 245 -26.52 -19.34 27.99
C LYS B 245 -25.93 -18.33 28.96
N ALA B 246 -24.64 -18.02 28.82
CA ALA B 246 -24.00 -17.07 29.72
C ALA B 246 -24.64 -15.70 29.62
N LEU B 247 -24.96 -15.26 28.40
CA LEU B 247 -25.57 -13.94 28.23
C LEU B 247 -26.94 -13.88 28.89
N ARG B 248 -27.78 -14.90 28.69
CA ARG B 248 -29.09 -14.91 29.31
C ARG B 248 -28.99 -14.92 30.83
N ARG B 249 -28.08 -15.72 31.38
CA ARG B 249 -27.92 -15.78 32.84
C ARG B 249 -27.49 -14.44 33.39
N LEU B 250 -26.66 -13.70 32.66
CA LEU B 250 -26.23 -12.39 33.13
C LEU B 250 -27.37 -11.37 33.07
N LEU B 251 -28.22 -11.47 32.04
CA LEU B 251 -29.32 -10.52 31.92
C LEU B 251 -30.40 -10.78 32.97
N GLU B 252 -30.60 -12.04 33.37
CA GLU B 252 -31.64 -12.33 34.35
C GLU B 252 -31.21 -11.91 35.76
N THR B 253 -29.95 -12.13 36.12
CA THR B 253 -29.49 -11.77 37.45
C THR B 253 -29.22 -10.27 37.59
N SER B 254 -28.94 -9.58 36.48
CA SER B 254 -28.66 -8.15 36.52
C SER B 254 -29.86 -7.30 36.14
N HIS B 255 -30.69 -7.77 35.21
CA HIS B 255 -31.83 -7.00 34.71
C HIS B 255 -31.38 -5.64 34.16
N ILE B 256 -30.15 -5.56 33.68
CA ILE B 256 -29.65 -4.35 33.04
C ILE B 256 -30.23 -4.31 31.63
N PRO B 257 -30.69 -3.16 31.14
CA PRO B 257 -31.21 -3.10 29.76
C PRO B 257 -30.13 -3.43 28.74
N VAL B 258 -30.58 -3.84 27.56
CA VAL B 258 -29.71 -4.34 26.51
C VAL B 258 -30.09 -3.69 25.18
N THR B 259 -29.07 -3.37 24.38
CA THR B 259 -29.26 -2.93 23.00
C THR B 259 -28.17 -3.56 22.15
N SER B 260 -28.52 -3.86 20.89
CA SER B 260 -27.67 -4.67 20.03
C SER B 260 -27.37 -3.96 18.73
N THR B 261 -26.14 -4.11 18.24
CA THR B 261 -25.83 -3.76 16.87
C THR B 261 -26.54 -4.75 15.93
N TYR B 262 -26.51 -4.44 14.64
CA TYR B 262 -27.18 -5.31 13.69
C TYR B 262 -26.40 -6.60 13.43
N GLN B 263 -25.08 -6.60 13.66
CA GLN B 263 -24.34 -7.85 13.63
C GLN B 263 -24.71 -8.75 14.79
N ALA B 264 -25.30 -8.20 15.85
CA ALA B 264 -25.82 -8.96 16.97
C ALA B 264 -27.35 -8.93 17.03
N ALA B 265 -28.00 -8.68 15.90
CA ALA B 265 -29.45 -8.47 15.90
C ALA B 265 -30.21 -9.66 16.47
N GLY B 266 -29.59 -10.84 16.53
CA GLY B 266 -30.28 -12.04 16.99
C GLY B 266 -29.91 -12.51 18.38
N ALA B 267 -28.92 -11.85 19.01
CA ALA B 267 -28.43 -12.32 20.29
C ALA B 267 -29.51 -12.27 21.37
N VAL B 268 -30.40 -11.26 21.31
CA VAL B 268 -31.46 -11.11 22.30
C VAL B 268 -32.70 -10.59 21.59
N ASN B 269 -33.82 -11.28 21.77
CA ASN B 269 -35.10 -10.88 21.21
C ASN B 269 -35.97 -10.24 22.28
N GLN B 270 -36.86 -9.34 21.84
CA GLN B 270 -37.73 -8.63 22.77
C GLN B 270 -38.65 -9.57 23.52
N ASP B 271 -38.95 -10.74 22.95
CA ASP B 271 -39.92 -11.66 23.55
C ASP B 271 -39.32 -12.53 24.63
N ASN B 272 -38.01 -12.50 24.83
CA ASN B 272 -37.36 -13.27 25.88
C ASN B 272 -36.70 -12.40 26.93
N PHE B 273 -36.63 -11.08 26.72
CA PHE B 273 -36.07 -10.17 27.71
C PHE B 273 -36.87 -8.87 27.66
N SER B 274 -37.44 -8.49 28.80
CA SER B 274 -38.35 -7.35 28.85
C SER B 274 -37.63 -6.03 28.65
N ARG B 275 -36.35 -5.94 29.04
CA ARG B 275 -35.60 -4.69 28.98
C ARG B 275 -34.70 -4.62 27.75
N PHE B 276 -35.12 -5.21 26.64
CA PHE B 276 -34.43 -5.05 25.37
C PHE B 276 -34.81 -3.71 24.76
N ALA B 277 -33.82 -2.91 24.40
CA ALA B 277 -34.03 -1.54 23.93
C ALA B 277 -33.89 -1.39 22.42
N GLY B 278 -34.00 -2.49 21.68
CA GLY B 278 -33.94 -2.42 20.23
C GLY B 278 -32.51 -2.47 19.70
N ARG B 279 -32.42 -2.36 18.37
CA ARG B 279 -31.15 -2.40 17.68
C ARG B 279 -30.69 -0.99 17.33
N VAL B 280 -29.39 -0.75 17.46
CA VAL B 280 -28.80 0.56 17.25
C VAL B 280 -27.83 0.48 16.08
N GLY B 281 -27.63 1.62 15.41
CA GLY B 281 -26.72 1.70 14.29
C GLY B 281 -27.32 2.34 13.06
N LEU B 282 -28.64 2.43 13.01
CA LEU B 282 -29.34 2.89 11.80
C LEU B 282 -30.21 4.11 12.06
N PHE B 283 -30.99 4.11 13.13
CA PHE B 283 -31.93 5.18 13.42
C PHE B 283 -31.44 6.02 14.59
N ASN B 284 -31.77 7.30 14.58
CA ASN B 284 -31.34 8.25 15.60
C ASN B 284 -32.37 8.45 16.71
N ASN B 285 -33.45 7.66 16.71
CA ASN B 285 -34.54 7.80 17.68
C ASN B 285 -34.86 6.46 18.31
N GLN B 286 -33.82 5.74 18.73
CA GLN B 286 -33.96 4.41 19.30
C GLN B 286 -33.83 4.46 20.82
N ALA B 287 -34.58 3.59 21.48
CA ALA B 287 -34.47 3.49 22.94
C ALA B 287 -33.04 3.18 23.35
N GLY B 288 -32.34 2.35 22.58
CA GLY B 288 -30.96 2.05 22.87
C GLY B 288 -30.08 3.30 22.82
N ASP B 289 -30.31 4.15 21.83
CA ASP B 289 -29.53 5.39 21.71
C ASP B 289 -29.76 6.29 22.91
N ARG B 290 -31.02 6.48 23.30
CA ARG B 290 -31.31 7.32 24.46
C ARG B 290 -30.70 6.74 25.72
N LEU B 291 -30.78 5.41 25.89
CA LEU B 291 -30.18 4.78 27.06
C LEU B 291 -28.66 4.91 27.03
N LEU B 292 -28.05 4.83 25.85
CA LEU B 292 -26.61 4.99 25.75
C LEU B 292 -26.19 6.40 26.15
N GLN B 293 -26.81 7.42 25.54
CA GLN B 293 -26.49 8.79 25.88
C GLN B 293 -26.90 9.13 27.30
N LEU B 294 -27.94 8.46 27.81
CA LEU B 294 -28.35 8.62 29.20
C LEU B 294 -27.45 7.83 30.15
N ALA B 295 -26.78 6.79 29.65
CA ALA B 295 -26.08 5.86 30.52
C ALA B 295 -24.91 6.54 31.24
N ASP B 296 -24.65 6.07 32.45
CA ASP B 296 -23.42 6.37 33.16
C ASP B 296 -22.43 5.22 33.12
N LEU B 297 -22.83 4.07 32.57
CA LEU B 297 -21.96 2.91 32.44
C LEU B 297 -22.43 2.11 31.24
N VAL B 298 -21.55 1.93 30.26
CA VAL B 298 -21.85 1.14 29.07
C VAL B 298 -20.88 -0.05 29.07
N ILE B 299 -21.44 -1.26 29.01
CA ILE B 299 -20.67 -2.49 28.97
C ILE B 299 -20.87 -3.09 27.57
N CYS B 300 -19.84 -3.02 26.75
CA CYS B 300 -19.88 -3.60 25.41
C CYS B 300 -19.42 -5.05 25.46
N ILE B 301 -20.21 -5.93 24.86
CA ILE B 301 -19.94 -7.36 24.86
C ILE B 301 -19.80 -7.83 23.41
N GLY B 302 -18.62 -8.38 23.08
CA GLY B 302 -18.40 -8.88 21.73
C GLY B 302 -18.50 -7.82 20.66
N TYR B 303 -18.17 -6.59 20.99
CA TYR B 303 -18.42 -5.45 20.13
C TYR B 303 -17.13 -4.85 19.60
N SER B 304 -17.14 -4.47 18.33
CA SER B 304 -16.07 -3.73 17.71
C SER B 304 -16.60 -2.40 17.16
N PRO B 305 -15.83 -1.32 17.26
CA PRO B 305 -16.32 -0.01 16.78
C PRO B 305 -16.84 -0.03 15.35
N VAL B 306 -16.36 -0.97 14.53
CA VAL B 306 -16.79 -1.01 13.13
C VAL B 306 -18.27 -1.31 13.01
N GLU B 307 -18.86 -1.99 14.00
CA GLU B 307 -20.27 -2.37 13.91
C GLU B 307 -21.19 -1.17 14.06
N TYR B 308 -20.71 -0.13 14.75
CA TYR B 308 -21.52 1.06 15.01
C TYR B 308 -20.56 2.16 15.44
N GLU B 309 -20.33 3.13 14.56
CA GLU B 309 -19.32 4.14 14.79
C GLU B 309 -19.50 4.76 16.18
N PRO B 310 -18.52 4.65 17.08
CA PRO B 310 -18.68 5.21 18.42
C PRO B 310 -18.96 6.71 18.41
N ALA B 311 -18.58 7.42 17.34
CA ALA B 311 -18.85 8.85 17.27
C ALA B 311 -20.33 9.16 17.27
N MET B 312 -21.19 8.18 16.96
CA MET B 312 -22.63 8.41 16.85
C MET B 312 -23.39 8.01 18.11
N TRP B 313 -22.75 7.36 19.08
CA TRP B 313 -23.44 6.99 20.32
C TRP B 313 -22.65 7.27 21.59
N ASN B 314 -21.32 7.30 21.55
CA ASN B 314 -20.52 7.50 22.76
C ASN B 314 -20.33 8.99 22.97
N SER B 315 -21.15 9.57 23.86
CA SER B 315 -21.01 10.97 24.21
C SER B 315 -19.80 11.24 25.09
N GLY B 316 -19.16 10.20 25.63
CA GLY B 316 -17.99 10.35 26.46
C GLY B 316 -18.27 10.64 27.92
N ASN B 317 -19.53 10.86 28.30
CA ASN B 317 -19.89 11.16 29.68
C ASN B 317 -20.26 9.91 30.46
N ALA B 318 -19.73 8.75 30.08
CA ALA B 318 -20.06 7.49 30.73
C ALA B 318 -18.83 6.59 30.75
N THR B 319 -18.69 5.82 31.83
CA THR B 319 -17.64 4.82 31.90
C THR B 319 -17.89 3.73 30.86
N LEU B 320 -16.83 3.31 30.18
CA LEU B 320 -16.92 2.38 29.07
C LEU B 320 -16.14 1.11 29.41
N VAL B 321 -16.82 -0.03 29.35
CA VAL B 321 -16.22 -1.34 29.61
C VAL B 321 -16.23 -2.14 28.32
N HIS B 322 -15.11 -2.79 28.03
CA HIS B 322 -14.95 -3.58 26.81
C HIS B 322 -14.78 -5.04 27.19
N ILE B 323 -15.71 -5.88 26.72
CA ILE B 323 -15.67 -7.32 26.94
C ILE B 323 -15.69 -7.98 25.57
N ASP B 324 -14.59 -8.66 25.22
CA ASP B 324 -14.50 -9.32 23.92
C ASP B 324 -13.35 -10.32 23.96
N VAL B 325 -13.30 -11.17 22.93
CA VAL B 325 -12.20 -12.12 22.79
C VAL B 325 -10.90 -11.45 22.39
N LEU B 326 -10.93 -10.18 22.01
CA LEU B 326 -9.74 -9.47 21.59
C LEU B 326 -9.66 -8.11 22.29
N PRO B 327 -8.46 -7.57 22.48
CA PRO B 327 -8.36 -6.21 23.03
C PRO B 327 -9.00 -5.19 22.11
N ALA B 328 -9.44 -4.08 22.71
CA ALA B 328 -10.03 -3.00 21.94
C ALA B 328 -8.97 -2.34 21.06
N TYR B 329 -9.42 -1.77 19.95
CA TYR B 329 -8.58 -0.92 19.11
C TYR B 329 -8.98 0.51 19.47
N GLU B 330 -8.30 1.07 20.46
CA GLU B 330 -8.66 2.37 21.01
C GLU B 330 -8.71 3.41 19.90
N GLU B 331 -9.61 4.39 20.07
CA GLU B 331 -9.72 5.50 19.14
C GLU B 331 -10.33 6.68 19.87
N ARG B 332 -10.59 7.76 19.12
CA ARG B 332 -11.10 8.99 19.70
C ARG B 332 -12.32 8.72 20.57
N ASN B 333 -13.39 8.20 19.97
CA ASN B 333 -14.66 7.99 20.65
C ASN B 333 -14.82 6.58 21.18
N TYR B 334 -13.71 5.85 21.40
CA TYR B 334 -13.78 4.50 21.94
C TYR B 334 -12.46 4.22 22.67
N THR B 335 -12.36 4.75 23.89
CA THR B 335 -11.21 4.56 24.76
C THR B 335 -11.73 3.91 26.05
N PRO B 336 -11.92 2.59 26.05
CA PRO B 336 -12.54 1.96 27.21
C PRO B 336 -11.74 2.20 28.48
N ASP B 337 -12.45 2.49 29.57
CA ASP B 337 -11.80 2.70 30.86
C ASP B 337 -11.44 1.39 31.52
N VAL B 338 -12.20 0.33 31.25
CA VAL B 338 -11.90 -1.01 31.74
C VAL B 338 -11.98 -1.96 30.56
N GLU B 339 -11.09 -2.95 30.53
CA GLU B 339 -10.92 -3.82 29.37
C GLU B 339 -10.87 -5.26 29.85
N LEU B 340 -11.94 -6.00 29.60
CA LEU B 340 -12.04 -7.42 29.99
C LEU B 340 -11.81 -8.25 28.73
N VAL B 341 -10.63 -8.84 28.63
CA VAL B 341 -10.24 -9.63 27.46
C VAL B 341 -10.16 -11.09 27.87
N GLY B 342 -10.83 -11.95 27.12
CA GLY B 342 -10.82 -13.37 27.40
C GLY B 342 -12.04 -14.04 26.79
N ASP B 343 -12.31 -15.25 27.28
CA ASP B 343 -13.49 -15.99 26.86
C ASP B 343 -14.74 -15.23 27.30
N ILE B 344 -15.58 -14.84 26.35
CA ILE B 344 -16.76 -14.03 26.68
C ILE B 344 -17.65 -14.78 27.67
N ALA B 345 -18.01 -16.03 27.33
CA ALA B 345 -18.91 -16.79 28.19
C ALA B 345 -18.36 -16.86 29.61
N GLY B 346 -17.08 -17.16 29.75
CA GLY B 346 -16.47 -17.21 31.07
C GLY B 346 -16.46 -15.87 31.77
N THR B 347 -16.30 -14.77 31.01
CA THR B 347 -16.31 -13.45 31.61
C THR B 347 -17.70 -13.09 32.12
N LEU B 348 -18.73 -13.33 31.30
CA LEU B 348 -20.09 -12.98 31.70
C LEU B 348 -20.52 -13.82 32.90
N ASN B 349 -20.11 -15.08 32.95
CA ASN B 349 -20.44 -15.93 34.10
C ASN B 349 -19.83 -15.37 35.37
N LYS B 350 -18.52 -15.10 35.36
CA LYS B 350 -17.88 -14.52 36.53
C LYS B 350 -18.51 -13.19 36.90
N LEU B 351 -18.82 -12.36 35.90
CA LEU B 351 -19.46 -11.08 36.17
C LEU B 351 -20.83 -11.29 36.81
N ALA B 352 -21.57 -12.30 36.34
CA ALA B 352 -22.88 -12.58 36.90
C ALA B 352 -22.79 -13.04 38.35
N GLN B 353 -21.70 -13.72 38.72
CA GLN B 353 -21.53 -14.17 40.10
C GLN B 353 -21.41 -13.01 41.08
N ASN B 354 -20.90 -11.88 40.61
CA ASN B 354 -20.66 -10.73 41.47
C ASN B 354 -21.76 -9.68 41.38
N ILE B 355 -22.90 -10.03 40.79
CA ILE B 355 -24.05 -9.13 40.79
C ILE B 355 -24.78 -9.34 42.11
N ASP B 356 -24.77 -8.32 42.97
CA ASP B 356 -25.37 -8.45 44.30
C ASP B 356 -26.87 -8.24 44.27
N HIS B 357 -27.37 -7.49 43.29
CA HIS B 357 -28.79 -7.16 43.24
C HIS B 357 -29.16 -6.81 41.81
N ARG B 358 -30.44 -6.89 41.50
CA ARG B 358 -30.94 -6.52 40.19
C ARG B 358 -31.12 -5.01 40.11
N LEU B 359 -30.97 -4.49 38.89
CA LEU B 359 -31.05 -3.04 38.68
C LEU B 359 -32.47 -2.55 38.92
N VAL B 360 -32.57 -1.36 39.51
CA VAL B 360 -33.83 -0.63 39.62
C VAL B 360 -33.79 0.49 38.60
N LEU B 361 -34.62 0.38 37.57
CA LEU B 361 -34.59 1.34 36.48
C LEU B 361 -34.85 2.75 36.99
N SER B 362 -34.17 3.72 36.38
CA SER B 362 -34.43 5.12 36.66
C SER B 362 -35.73 5.54 36.00
N PRO B 363 -36.32 6.66 36.42
CA PRO B 363 -37.56 7.11 35.77
C PRO B 363 -37.41 7.29 34.27
N GLN B 364 -36.39 8.04 33.84
CA GLN B 364 -36.19 8.26 32.41
C GLN B 364 -35.88 6.94 31.71
N ALA B 365 -34.95 6.15 32.26
CA ALA B 365 -34.66 4.85 31.68
C ALA B 365 -35.92 4.00 31.56
N ALA B 366 -36.69 3.92 32.65
CA ALA B 366 -37.95 3.19 32.60
C ALA B 366 -38.91 3.81 31.60
N GLU B 367 -38.98 5.14 31.56
CA GLU B 367 -39.89 5.81 30.64
C GLU B 367 -39.48 5.55 29.19
N ILE B 368 -38.17 5.53 28.92
CA ILE B 368 -37.70 5.25 27.56
C ILE B 368 -38.16 3.89 27.10
N LEU B 369 -38.06 2.88 27.97
CA LEU B 369 -38.52 1.54 27.60
C LEU B 369 -40.04 1.50 27.46
N ARG B 370 -40.77 2.24 28.30
CA ARG B 370 -42.22 2.33 28.15
C ARG B 370 -42.57 2.95 26.81
N ASP B 371 -41.92 4.06 26.45
CA ASP B 371 -42.19 4.71 25.17
C ASP B 371 -41.93 3.76 24.02
N ARG B 372 -40.90 2.93 24.13
CA ARG B 372 -40.61 1.95 23.08
C ARG B 372 -41.75 0.96 22.92
N GLN B 373 -42.25 0.42 24.04
CA GLN B 373 -43.30 -0.59 23.95
C GLN B 373 -44.65 0.02 23.60
N HIS B 374 -44.88 1.29 23.97
CA HIS B 374 -46.15 1.93 23.64
C HIS B 374 -46.31 2.09 22.14
N GLN B 375 -45.23 2.44 21.44
CA GLN B 375 -45.29 2.54 19.98
C GLN B 375 -45.66 1.19 19.36
N ARG B 376 -44.90 0.15 19.70
CA ARG B 376 -45.18 -1.19 19.19
C ARG B 376 -46.41 -1.78 19.85
N ARG B 382 -53.29 3.39 9.81
CA ARG B 382 -51.98 2.88 9.45
C ARG B 382 -51.99 1.37 9.35
N GLY B 383 -50.83 0.78 9.08
CA GLY B 383 -50.71 -0.65 8.97
C GLY B 383 -51.35 -1.21 7.70
N ALA B 384 -52.52 -1.83 7.84
CA ALA B 384 -53.22 -2.43 6.72
C ALA B 384 -54.30 -1.53 6.13
N GLN B 385 -54.68 -0.45 6.83
CA GLN B 385 -55.70 0.48 6.33
C GLN B 385 -55.04 1.44 5.33
N LEU B 386 -54.60 0.86 4.21
CA LEU B 386 -53.92 1.62 3.17
C LEU B 386 -54.06 0.91 1.83
N ASN B 387 -55.23 1.02 1.19
CA ASN B 387 -55.48 0.37 -0.08
C ASN B 387 -54.98 1.17 -1.27
N GLN B 388 -54.03 2.07 -1.06
CA GLN B 388 -53.52 2.90 -2.15
C GLN B 388 -52.63 2.09 -3.08
N PHE B 389 -52.57 2.52 -4.34
CA PHE B 389 -51.72 1.90 -5.35
C PHE B 389 -50.86 3.00 -5.98
N ALA B 390 -49.55 2.82 -6.08
CA ALA B 390 -48.84 1.63 -5.63
C ALA B 390 -48.84 1.49 -4.12
N LEU B 391 -48.60 0.27 -3.66
CA LEU B 391 -48.71 -0.06 -2.25
C LEU B 391 -47.77 0.78 -1.39
N HIS B 392 -48.30 1.33 -0.31
CA HIS B 392 -47.50 2.08 0.63
C HIS B 392 -46.53 1.13 1.34
N PRO B 393 -45.28 1.55 1.56
CA PRO B 393 -44.32 0.63 2.21
C PRO B 393 -44.83 0.02 3.49
N LEU B 394 -45.40 0.83 4.38
CA LEU B 394 -45.90 0.31 5.65
C LEU B 394 -46.91 -0.82 5.45
N ARG B 395 -47.64 -0.81 4.34
CA ARG B 395 -48.55 -1.92 4.06
C ARG B 395 -47.77 -3.18 3.68
N ILE B 396 -46.71 -3.03 2.87
CA ILE B 396 -45.92 -4.19 2.49
C ILE B 396 -45.27 -4.81 3.72
N VAL B 397 -44.84 -3.97 4.66
CA VAL B 397 -44.22 -4.49 5.88
C VAL B 397 -45.22 -5.31 6.68
N ARG B 398 -46.49 -4.88 6.70
CA ARG B 398 -47.51 -5.62 7.41
C ARG B 398 -47.77 -6.97 6.76
N ALA B 399 -47.88 -7.00 5.43
CA ALA B 399 -48.12 -8.26 4.73
C ALA B 399 -46.94 -9.21 4.90
N MET B 400 -45.72 -8.67 4.95
CA MET B 400 -44.56 -9.53 5.21
C MET B 400 -44.61 -10.08 6.63
N GLN B 401 -45.05 -9.29 7.60
CA GLN B 401 -45.14 -9.76 8.97
C GLN B 401 -46.08 -10.97 9.08
N ASP B 402 -47.15 -10.98 8.29
CA ASP B 402 -48.14 -12.06 8.41
C ASP B 402 -47.61 -13.39 7.88
N ILE B 403 -46.68 -13.36 6.93
CA ILE B 403 -46.16 -14.59 6.33
C ILE B 403 -44.84 -15.04 6.94
N VAL B 404 -44.08 -14.15 7.57
CA VAL B 404 -42.79 -14.48 8.16
C VAL B 404 -43.03 -14.83 9.62
N ASN B 405 -43.16 -16.13 9.91
CA ASN B 405 -43.34 -16.61 11.25
C ASN B 405 -42.03 -17.20 11.77
N SER B 406 -42.07 -17.81 12.96
CA SER B 406 -40.87 -18.30 13.61
C SER B 406 -40.21 -19.45 12.85
N ASP B 407 -40.88 -20.04 11.87
CA ASP B 407 -40.30 -21.13 11.08
C ASP B 407 -39.68 -20.64 9.78
N VAL B 408 -39.70 -19.34 9.51
CA VAL B 408 -39.23 -18.77 8.26
C VAL B 408 -37.97 -17.95 8.52
N THR B 409 -37.02 -18.03 7.60
CA THR B 409 -35.85 -17.18 7.61
C THR B 409 -36.08 -16.00 6.66
N LEU B 410 -35.60 -14.83 7.06
CA LEU B 410 -35.77 -13.60 6.28
C LEU B 410 -34.40 -13.06 5.90
N THR B 411 -34.17 -12.88 4.61
CA THR B 411 -32.99 -12.20 4.11
C THR B 411 -33.40 -10.90 3.44
N VAL B 412 -32.65 -9.83 3.70
CA VAL B 412 -33.02 -8.48 3.28
C VAL B 412 -31.87 -7.91 2.46
N ASP B 413 -32.18 -7.46 1.24
CA ASP B 413 -31.18 -6.81 0.40
C ASP B 413 -30.99 -5.38 0.85
N MET B 414 -30.41 -4.52 0.01
CA MET B 414 -30.07 -3.16 0.39
C MET B 414 -30.82 -2.17 -0.49
N GLY B 415 -31.40 -1.16 0.14
CA GLY B 415 -32.22 -0.19 -0.56
C GLY B 415 -33.15 0.50 0.43
N SER B 416 -34.13 1.21 -0.13
CA SER B 416 -35.09 1.91 0.71
C SER B 416 -35.95 0.93 1.50
N PHE B 417 -36.38 -0.17 0.86
CA PHE B 417 -37.10 -1.23 1.56
C PHE B 417 -36.33 -1.70 2.79
N HIS B 418 -35.00 -1.75 2.69
CA HIS B 418 -34.18 -2.17 3.84
C HIS B 418 -34.44 -1.30 5.05
N ILE B 419 -34.57 0.02 4.85
CA ILE B 419 -34.80 0.93 5.97
C ILE B 419 -36.18 0.69 6.56
N TRP B 420 -37.19 0.47 5.71
CA TRP B 420 -38.53 0.21 6.21
C TRP B 420 -38.56 -1.04 7.08
N ILE B 421 -37.99 -2.14 6.58
CA ILE B 421 -37.98 -3.38 7.34
C ILE B 421 -37.21 -3.19 8.65
N ALA B 422 -36.06 -2.52 8.58
CA ALA B 422 -35.28 -2.26 9.79
C ALA B 422 -36.06 -1.42 10.79
N ARG B 423 -36.88 -0.49 10.31
CA ARG B 423 -37.67 0.35 11.22
C ARG B 423 -38.67 -0.47 12.02
N TYR B 424 -39.17 -1.57 11.45
CA TYR B 424 -40.19 -2.40 12.08
C TYR B 424 -39.67 -3.80 12.35
N LEU B 425 -38.36 -3.94 12.57
CA LEU B 425 -37.75 -5.25 12.76
C LEU B 425 -38.19 -5.90 14.07
N TYR B 426 -38.63 -5.10 15.04
CA TYR B 426 -39.17 -5.66 16.28
C TYR B 426 -40.41 -6.50 16.01
N SER B 427 -41.18 -6.18 14.96
CA SER B 427 -42.45 -6.83 14.71
C SER B 427 -42.32 -8.12 13.92
N PHE B 428 -41.17 -8.39 13.31
CA PHE B 428 -40.96 -9.64 12.59
C PHE B 428 -40.54 -10.72 13.58
N ARG B 429 -41.22 -11.87 13.52
CA ARG B 429 -40.91 -12.99 14.41
C ARG B 429 -40.28 -14.13 13.62
N ALA B 430 -39.16 -13.86 12.96
CA ALA B 430 -38.50 -14.85 12.13
C ALA B 430 -37.50 -15.65 12.96
N ARG B 431 -37.29 -16.91 12.55
CA ARG B 431 -36.28 -17.74 13.19
C ARG B 431 -34.91 -17.07 13.10
N GLN B 432 -34.57 -16.54 11.93
CA GLN B 432 -33.32 -15.83 11.74
C GLN B 432 -33.53 -14.77 10.67
N VAL B 433 -32.86 -13.63 10.84
CA VAL B 433 -32.92 -12.53 9.89
C VAL B 433 -31.51 -12.18 9.46
N MET B 434 -31.26 -12.19 8.16
CA MET B 434 -30.01 -11.70 7.59
C MET B 434 -30.30 -10.34 6.97
N ILE B 435 -29.84 -9.27 7.63
CA ILE B 435 -30.10 -7.91 7.17
C ILE B 435 -28.86 -7.06 7.32
N SER B 436 -28.05 -7.34 8.35
CA SER B 436 -26.84 -6.58 8.59
C SER B 436 -25.98 -6.50 7.34
N ASN B 437 -25.58 -5.30 6.98
CA ASN B 437 -24.88 -5.06 5.71
C ASN B 437 -24.06 -3.77 5.79
N GLY B 438 -22.90 -3.85 6.46
CA GLY B 438 -22.08 -2.67 6.64
C GLY B 438 -21.56 -2.11 5.32
N GLN B 439 -21.10 -2.99 4.43
CA GLN B 439 -20.67 -2.55 3.10
C GLN B 439 -21.84 -2.07 2.25
N GLN B 440 -23.07 -2.36 2.65
CA GLN B 440 -24.25 -1.90 1.92
C GLN B 440 -24.31 -2.48 0.51
N THR B 441 -23.83 -3.71 0.36
CA THR B 441 -23.84 -4.38 -0.94
C THR B 441 -25.25 -4.74 -1.36
N MET B 442 -25.60 -4.42 -2.61
CA MET B 442 -26.88 -4.84 -3.17
C MET B 442 -26.73 -6.19 -3.85
N GLY B 443 -27.85 -6.92 -3.93
CA GLY B 443 -27.87 -8.24 -4.52
C GLY B 443 -27.62 -9.40 -3.57
N VAL B 444 -27.64 -9.15 -2.27
CA VAL B 444 -27.28 -10.19 -1.30
C VAL B 444 -28.46 -11.09 -0.93
N ALA B 445 -29.69 -10.58 -1.01
CA ALA B 445 -30.83 -11.27 -0.40
C ALA B 445 -31.01 -12.67 -0.98
N LEU B 446 -31.19 -12.76 -2.30
CA LEU B 446 -31.47 -14.05 -2.93
C LEU B 446 -30.38 -15.07 -2.68
N PRO B 447 -29.10 -14.79 -2.95
CA PRO B 447 -28.06 -15.79 -2.66
C PRO B 447 -27.93 -16.11 -1.18
N TRP B 448 -28.14 -15.13 -0.30
CA TRP B 448 -28.21 -15.42 1.12
C TRP B 448 -29.29 -16.45 1.42
N ALA B 449 -30.45 -16.31 0.76
CA ALA B 449 -31.56 -17.23 1.03
C ALA B 449 -31.24 -18.64 0.55
N ILE B 450 -30.60 -18.76 -0.60
CA ILE B 450 -30.24 -20.08 -1.12
C ILE B 450 -29.26 -20.77 -0.18
N GLY B 451 -28.27 -20.04 0.31
CA GLY B 451 -27.33 -20.61 1.25
C GLY B 451 -28.00 -21.02 2.55
N ALA B 452 -28.87 -20.17 3.07
CA ALA B 452 -29.58 -20.48 4.31
C ALA B 452 -30.48 -21.70 4.14
N TRP B 453 -31.18 -21.79 3.02
CA TRP B 453 -32.07 -22.93 2.79
C TRP B 453 -31.28 -24.23 2.74
N LEU B 454 -30.08 -24.21 2.14
CA LEU B 454 -29.29 -25.43 2.05
C LEU B 454 -28.91 -25.95 3.42
N VAL B 455 -28.78 -25.07 4.41
CA VAL B 455 -28.47 -25.52 5.76
C VAL B 455 -29.67 -26.20 6.39
N ASN B 456 -30.87 -25.64 6.20
CA ASN B 456 -32.11 -26.19 6.75
C ASN B 456 -33.15 -26.28 5.63
N PRO B 457 -32.98 -27.24 4.72
CA PRO B 457 -33.88 -27.29 3.55
C PRO B 457 -35.32 -27.61 3.90
N GLU B 458 -35.62 -27.99 5.14
CA GLU B 458 -36.99 -28.28 5.53
C GLU B 458 -37.79 -27.03 5.85
N ARG B 459 -37.17 -25.85 5.87
CA ARG B 459 -37.84 -24.62 6.25
C ARG B 459 -37.98 -23.70 5.05
N LYS B 460 -38.85 -22.70 5.20
CA LYS B 460 -39.08 -21.69 4.17
C LYS B 460 -38.15 -20.52 4.39
N VAL B 461 -37.69 -19.91 3.30
CA VAL B 461 -36.86 -18.72 3.34
C VAL B 461 -37.52 -17.64 2.50
N VAL B 462 -37.62 -16.45 3.05
CA VAL B 462 -38.18 -15.29 2.36
C VAL B 462 -37.07 -14.27 2.17
N SER B 463 -36.79 -13.94 0.91
CA SER B 463 -35.81 -12.91 0.58
C SER B 463 -36.54 -11.72 -0.04
N VAL B 464 -36.09 -10.52 0.30
CA VAL B 464 -36.71 -9.29 -0.18
C VAL B 464 -35.61 -8.36 -0.69
N SER B 465 -35.82 -7.79 -1.87
CA SER B 465 -34.89 -6.85 -2.46
C SER B 465 -35.67 -5.82 -3.26
N GLY B 466 -34.94 -4.85 -3.83
CA GLY B 466 -35.49 -3.95 -4.81
C GLY B 466 -35.27 -4.48 -6.21
N ASP B 467 -35.78 -3.72 -7.19
CA ASP B 467 -35.56 -4.12 -8.57
C ASP B 467 -34.10 -3.94 -8.98
N GLY B 468 -33.43 -2.92 -8.45
CA GLY B 468 -32.01 -2.75 -8.71
C GLY B 468 -31.18 -3.90 -8.16
N GLY B 469 -31.29 -4.15 -6.85
CA GLY B 469 -30.54 -5.24 -6.25
C GLY B 469 -30.92 -6.59 -6.80
N PHE B 470 -32.17 -6.75 -7.23
CA PHE B 470 -32.63 -8.03 -7.73
C PHE B 470 -31.83 -8.46 -8.96
N LEU B 471 -31.68 -7.57 -9.94
CA LEU B 471 -31.03 -7.95 -11.20
C LEU B 471 -29.54 -8.16 -11.07
N GLN B 472 -28.91 -7.76 -9.96
CA GLN B 472 -27.49 -8.02 -9.81
C GLN B 472 -27.20 -9.47 -9.41
N SER B 473 -28.22 -10.19 -8.94
CA SER B 473 -28.05 -11.59 -8.56
C SER B 473 -29.21 -12.47 -8.99
N SER B 474 -30.18 -11.96 -9.76
CA SER B 474 -31.33 -12.76 -10.16
C SER B 474 -30.92 -13.96 -11.01
N MET B 475 -29.71 -13.95 -11.57
CA MET B 475 -29.21 -15.11 -12.31
C MET B 475 -29.28 -16.38 -11.48
N GLU B 476 -29.21 -16.27 -10.15
CA GLU B 476 -29.23 -17.44 -9.29
C GLU B 476 -30.62 -18.03 -9.11
N LEU B 477 -31.66 -17.44 -9.72
CA LEU B 477 -32.96 -18.11 -9.74
C LEU B 477 -32.86 -19.45 -10.44
N GLU B 478 -32.02 -19.55 -11.47
CA GLU B 478 -31.78 -20.84 -12.11
C GLU B 478 -31.17 -21.82 -11.13
N THR B 479 -30.22 -21.36 -10.30
CA THR B 479 -29.66 -22.21 -9.27
C THR B 479 -30.72 -22.65 -8.27
N ALA B 480 -31.63 -21.74 -7.90
CA ALA B 480 -32.69 -22.09 -6.96
C ALA B 480 -33.62 -23.15 -7.54
N VAL B 481 -34.02 -23.00 -8.80
CA VAL B 481 -34.86 -24.01 -9.45
C VAL B 481 -34.11 -25.34 -9.52
N ARG B 482 -32.85 -25.30 -9.95
CA ARG B 482 -32.06 -26.51 -10.06
C ARG B 482 -31.90 -27.19 -8.71
N LEU B 483 -31.87 -26.41 -7.63
CA LEU B 483 -31.80 -26.95 -6.28
C LEU B 483 -33.18 -27.22 -5.68
N LYS B 484 -34.25 -26.76 -6.31
CA LYS B 484 -35.59 -26.86 -5.76
C LYS B 484 -35.66 -26.17 -4.40
N ALA B 485 -34.96 -25.05 -4.29
CA ALA B 485 -34.89 -24.31 -3.03
C ALA B 485 -36.24 -23.68 -2.71
N ASN B 486 -36.70 -23.87 -1.48
CA ASN B 486 -37.99 -23.35 -1.04
C ASN B 486 -37.81 -21.90 -0.60
N VAL B 487 -37.58 -21.04 -1.59
CA VAL B 487 -37.27 -19.63 -1.37
C VAL B 487 -38.35 -18.78 -2.03
N LEU B 488 -38.92 -17.85 -1.27
CA LEU B 488 -39.87 -16.87 -1.77
C LEU B 488 -39.17 -15.51 -1.83
N HIS B 489 -39.03 -14.97 -3.03
CA HIS B 489 -38.34 -13.70 -3.23
C HIS B 489 -39.35 -12.60 -3.54
N LEU B 490 -39.28 -11.51 -2.79
CA LEU B 490 -40.16 -10.36 -2.96
C LEU B 490 -39.36 -9.19 -3.53
N ILE B 491 -39.91 -8.55 -4.57
CA ILE B 491 -39.27 -7.42 -5.22
C ILE B 491 -40.14 -6.19 -4.99
N TRP B 492 -39.59 -5.19 -4.29
CA TRP B 492 -40.22 -3.87 -4.23
C TRP B 492 -39.87 -3.13 -5.51
N VAL B 493 -40.85 -2.96 -6.40
CA VAL B 493 -40.62 -2.43 -7.73
C VAL B 493 -40.93 -0.95 -7.75
N ASP B 494 -39.94 -0.14 -8.08
CA ASP B 494 -40.13 1.28 -8.34
C ASP B 494 -39.45 1.75 -9.62
N ASN B 495 -38.76 0.85 -10.34
CA ASN B 495 -38.09 1.18 -11.59
C ASN B 495 -37.02 2.25 -11.38
N GLY B 496 -36.22 2.09 -10.33
CA GLY B 496 -35.16 3.05 -10.07
C GLY B 496 -34.36 2.62 -8.86
N TYR B 497 -33.29 3.38 -8.62
CA TYR B 497 -32.43 3.22 -7.44
C TYR B 497 -32.89 4.23 -6.40
N ASN B 498 -33.96 3.89 -5.68
CA ASN B 498 -34.63 4.90 -4.86
C ASN B 498 -33.73 5.39 -3.74
N MET B 499 -33.11 4.46 -3.00
CA MET B 499 -32.33 4.88 -1.84
C MET B 499 -31.27 5.92 -2.21
N VAL B 500 -30.77 5.88 -3.45
CA VAL B 500 -29.86 6.92 -3.93
C VAL B 500 -30.63 8.16 -4.34
N ALA B 501 -31.77 7.98 -5.02
CA ALA B 501 -32.54 9.12 -5.50
C ALA B 501 -32.95 10.04 -4.36
N ILE B 502 -33.45 9.47 -3.26
CA ILE B 502 -33.89 10.30 -2.13
C ILE B 502 -32.74 11.18 -1.65
N GLN B 503 -31.52 10.66 -1.65
CA GLN B 503 -30.38 11.47 -1.23
C GLN B 503 -30.12 12.61 -2.20
N GLU B 504 -30.26 12.36 -3.50
CA GLU B 504 -30.07 13.41 -4.49
C GLU B 504 -31.14 14.48 -4.35
N GLU B 505 -32.39 14.07 -4.12
CA GLU B 505 -33.48 15.03 -3.99
C GLU B 505 -33.25 15.96 -2.80
N LYS B 506 -32.86 15.40 -1.66
CA LYS B 506 -32.63 16.23 -0.48
C LYS B 506 -31.45 17.16 -0.67
N LYS B 507 -30.41 16.70 -1.36
CA LYS B 507 -29.18 17.47 -1.49
C LYS B 507 -29.22 18.44 -2.66
N TYR B 508 -29.79 18.03 -3.79
CA TYR B 508 -29.74 18.82 -5.01
C TYR B 508 -31.10 19.09 -5.64
N GLN B 509 -32.18 18.52 -5.11
CA GLN B 509 -33.53 18.75 -5.64
C GLN B 509 -33.65 18.32 -7.11
N ARG B 510 -32.83 17.36 -7.53
CA ARG B 510 -32.94 16.81 -8.87
C ARG B 510 -32.23 15.45 -8.88
N LEU B 511 -32.62 14.62 -9.84
CA LEU B 511 -32.15 13.23 -9.90
C LEU B 511 -31.15 13.05 -11.04
N SER B 512 -30.20 12.14 -10.82
CA SER B 512 -29.19 11.83 -11.81
C SER B 512 -28.81 10.37 -11.69
N GLY B 513 -29.16 9.58 -12.70
CA GLY B 513 -28.70 8.21 -12.78
C GLY B 513 -29.43 7.21 -11.91
N VAL B 514 -30.67 7.49 -11.52
CA VAL B 514 -31.40 6.66 -10.57
C VAL B 514 -32.71 6.12 -11.15
N GLU B 515 -32.93 6.30 -12.45
CA GLU B 515 -34.16 5.85 -13.09
C GLU B 515 -33.84 4.86 -14.21
N PHE B 516 -34.62 3.79 -14.28
CA PHE B 516 -34.53 2.86 -15.40
C PHE B 516 -35.93 2.39 -15.77
N GLY B 517 -36.01 1.49 -16.75
CA GLY B 517 -37.27 1.08 -17.31
C GLY B 517 -37.93 -0.06 -16.55
N PRO B 518 -39.18 -0.35 -16.89
CA PRO B 518 -39.92 -1.41 -16.20
C PRO B 518 -39.56 -2.80 -16.75
N MET B 519 -40.08 -3.81 -16.04
CA MET B 519 -39.89 -5.20 -16.43
C MET B 519 -41.11 -6.00 -16.03
N ASP B 520 -41.33 -7.11 -16.73
CA ASP B 520 -42.38 -8.06 -16.38
C ASP B 520 -41.76 -9.15 -15.50
N PHE B 521 -41.62 -8.83 -14.21
CA PHE B 521 -40.93 -9.73 -13.30
C PHE B 521 -41.68 -11.05 -13.11
N LYS B 522 -42.98 -11.08 -13.37
CA LYS B 522 -43.72 -12.35 -13.32
C LYS B 522 -43.22 -13.30 -14.39
N ALA B 523 -43.27 -12.87 -15.65
CA ALA B 523 -42.75 -13.68 -16.75
C ALA B 523 -41.25 -13.92 -16.59
N TYR B 524 -40.53 -12.93 -16.06
CA TYR B 524 -39.11 -13.10 -15.83
C TYR B 524 -38.84 -14.33 -14.97
N ALA B 525 -39.50 -14.41 -13.81
CA ALA B 525 -39.35 -15.57 -12.94
C ALA B 525 -39.79 -16.84 -13.66
N GLU B 526 -40.90 -16.79 -14.39
CA GLU B 526 -41.41 -17.97 -15.06
C GLU B 526 -40.43 -18.49 -16.11
N SER B 527 -39.64 -17.61 -16.72
CA SER B 527 -38.67 -18.06 -17.72
C SER B 527 -37.60 -18.94 -17.10
N PHE B 528 -37.34 -18.80 -15.79
CA PHE B 528 -36.40 -19.67 -15.09
C PHE B 528 -37.02 -21.01 -14.70
N GLY B 529 -38.32 -21.20 -14.91
CA GLY B 529 -39.01 -22.36 -14.40
C GLY B 529 -39.54 -22.19 -12.99
N ALA B 530 -39.60 -20.97 -12.48
CA ALA B 530 -40.10 -20.69 -11.14
C ALA B 530 -41.48 -20.06 -11.22
N LYS B 531 -42.17 -20.04 -10.08
CA LYS B 531 -43.50 -19.45 -10.00
C LYS B 531 -43.39 -17.93 -9.89
N GLY B 532 -44.13 -17.22 -10.75
CA GLY B 532 -44.11 -15.77 -10.79
C GLY B 532 -45.44 -15.18 -10.37
N PHE B 533 -45.37 -14.02 -9.71
CA PHE B 533 -46.57 -13.30 -9.29
C PHE B 533 -46.35 -11.81 -9.51
N ALA B 534 -47.46 -11.09 -9.63
CA ALA B 534 -47.42 -9.63 -9.78
C ALA B 534 -48.62 -9.05 -9.06
N VAL B 535 -48.38 -8.30 -7.99
CA VAL B 535 -49.43 -7.63 -7.24
C VAL B 535 -50.01 -6.50 -8.07
N GLU B 536 -51.18 -6.74 -8.67
CA GLU B 536 -51.81 -5.74 -9.52
C GLU B 536 -52.58 -4.68 -8.73
N SER B 537 -53.00 -5.00 -7.51
CA SER B 537 -53.78 -4.05 -6.70
C SER B 537 -53.42 -4.23 -5.23
N ALA B 538 -53.74 -3.21 -4.44
CA ALA B 538 -53.42 -3.25 -3.02
C ALA B 538 -54.17 -4.35 -2.30
N GLU B 539 -55.37 -4.72 -2.79
CA GLU B 539 -56.13 -5.79 -2.17
C GLU B 539 -55.58 -7.16 -2.51
N ALA B 540 -54.76 -7.26 -3.56
CA ALA B 540 -54.25 -8.54 -4.04
C ALA B 540 -52.93 -8.93 -3.39
N LEU B 541 -52.37 -8.05 -2.55
CA LEU B 541 -51.06 -8.31 -1.96
C LEU B 541 -51.10 -9.53 -1.04
N GLU B 542 -51.95 -9.48 -0.02
CA GLU B 542 -52.07 -10.61 0.91
C GLU B 542 -52.47 -11.90 0.20
N PRO B 543 -53.53 -11.93 -0.61
CA PRO B 543 -53.80 -13.14 -1.41
C PRO B 543 -52.60 -13.63 -2.20
N THR B 544 -51.80 -12.73 -2.78
CA THR B 544 -50.68 -13.15 -3.61
C THR B 544 -49.56 -13.74 -2.77
N LEU B 545 -49.13 -13.02 -1.72
CA LEU B 545 -48.08 -13.55 -0.84
C LEU B 545 -48.50 -14.87 -0.22
N ARG B 546 -49.76 -14.98 0.20
CA ARG B 546 -50.27 -16.24 0.73
C ARG B 546 -50.06 -17.37 -0.29
N ALA B 547 -50.45 -17.14 -1.54
CA ALA B 547 -50.29 -18.17 -2.56
C ALA B 547 -48.83 -18.46 -2.84
N ALA B 548 -47.98 -17.42 -2.85
CA ALA B 548 -46.57 -17.61 -3.14
C ALA B 548 -45.87 -18.40 -2.04
N MET B 549 -46.26 -18.17 -0.78
CA MET B 549 -45.70 -18.96 0.31
C MET B 549 -46.04 -20.44 0.17
N ASP B 550 -47.27 -20.74 -0.21
CA ASP B 550 -47.71 -22.13 -0.35
C ASP B 550 -47.03 -22.85 -1.50
N VAL B 551 -46.29 -22.15 -2.36
CA VAL B 551 -45.52 -22.79 -3.40
C VAL B 551 -44.37 -23.57 -2.75
N ASP B 552 -44.20 -24.82 -3.16
CA ASP B 552 -43.13 -25.67 -2.64
C ASP B 552 -41.91 -25.60 -3.57
N GLY B 553 -41.37 -24.39 -3.68
CA GLY B 553 -40.22 -24.15 -4.53
C GLY B 553 -39.98 -22.66 -4.74
N PRO B 554 -39.08 -22.33 -5.66
CA PRO B 554 -38.77 -20.92 -5.92
C PRO B 554 -39.99 -20.16 -6.43
N ALA B 555 -40.18 -18.96 -5.89
CA ALA B 555 -41.27 -18.09 -6.32
C ALA B 555 -40.83 -16.64 -6.19
N VAL B 556 -41.30 -15.81 -7.10
CA VAL B 556 -41.00 -14.38 -7.11
C VAL B 556 -42.31 -13.61 -7.15
N VAL B 557 -42.36 -12.51 -6.39
CA VAL B 557 -43.54 -11.67 -6.30
C VAL B 557 -43.10 -10.22 -6.51
N ALA B 558 -43.57 -9.60 -7.58
CA ALA B 558 -43.31 -8.20 -7.84
C ALA B 558 -44.34 -7.34 -7.12
N ILE B 559 -43.87 -6.37 -6.34
CA ILE B 559 -44.72 -5.55 -5.50
C ILE B 559 -44.45 -4.09 -5.84
N PRO B 560 -45.28 -3.48 -6.68
CA PRO B 560 -45.14 -2.04 -6.92
C PRO B 560 -45.29 -1.25 -5.63
N VAL B 561 -44.33 -0.36 -5.39
CA VAL B 561 -44.26 0.40 -4.15
C VAL B 561 -44.31 1.89 -4.46
N ASP B 562 -44.88 2.65 -3.53
CA ASP B 562 -44.95 4.11 -3.61
C ASP B 562 -44.05 4.69 -2.52
N TYR B 563 -42.87 5.16 -2.93
CA TYR B 563 -41.87 5.67 -2.00
C TYR B 563 -42.04 7.16 -1.69
N ARG B 564 -43.21 7.73 -1.99
CA ARG B 564 -43.40 9.17 -1.78
C ARG B 564 -43.09 9.59 -0.34
N ASP B 565 -43.39 8.73 0.63
CA ASP B 565 -43.21 9.06 2.04
C ASP B 565 -41.81 8.77 2.55
N ASN B 566 -40.92 8.25 1.71
CA ASN B 566 -39.56 7.93 2.16
C ASN B 566 -38.86 9.08 2.86
N PRO B 567 -38.89 10.32 2.36
CA PRO B 567 -38.19 11.41 3.07
C PRO B 567 -38.53 11.50 4.55
N LEU B 568 -39.76 11.13 4.94
CA LEU B 568 -40.12 11.17 6.35
C LEU B 568 -39.34 10.13 7.15
N LEU B 569 -39.21 8.92 6.62
CA LEU B 569 -38.50 7.86 7.34
C LEU B 569 -37.00 8.14 7.38
N MET B 570 -36.43 8.59 6.27
CA MET B 570 -34.99 8.77 6.19
C MET B 570 -34.49 9.89 7.08
N GLY B 571 -35.36 10.84 7.46
CA GLY B 571 -34.98 11.85 8.44
C GLY B 571 -34.70 11.28 9.81
N GLN B 572 -35.14 10.05 10.09
CA GLN B 572 -34.89 9.39 11.36
C GLN B 572 -33.56 8.64 11.38
N LEU B 573 -32.73 8.80 10.36
CA LEU B 573 -31.45 8.11 10.27
C LEU B 573 -30.32 8.99 10.80
N HIS B 574 -29.17 8.37 10.99
CA HIS B 574 -27.98 9.09 11.44
C HIS B 574 -27.33 9.84 10.27
MG MG C . 28.62 18.57 12.23
MG MG D . 25.98 10.05 -16.40
MG MG E . 8.94 0.79 -8.09
P PO4 F . 25.57 28.74 -9.29
O1 PO4 F . 24.94 30.09 -9.03
O2 PO4 F . 26.31 28.77 -10.60
O3 PO4 F . 24.49 27.68 -9.35
O4 PO4 F . 26.53 28.41 -8.17
C10 A4Y G . 24.29 17.52 9.58
C13 A4Y G . 21.23 16.17 9.40
C17 A4Y G . 19.22 13.57 8.51
C20 A4Y G . 19.94 11.18 7.59
C21 A4Y G . 20.34 9.80 7.10
C26 A4Y G . 19.12 16.93 6.44
C28 A4Y G . 18.52 18.10 7.27
O01 A4Y G . 27.08 15.74 9.04
P02 A4Y G . 26.82 16.97 9.87
O03 A4Y G . 27.01 18.33 8.98
P04 A4Y G . 27.22 19.79 9.66
O05 A4Y G . 28.47 20.46 9.15
O06 A4Y G . 26.00 20.61 9.27
O07 A4Y G . 27.34 19.60 11.16
O08 A4Y G . 27.82 16.93 11.00
O09 A4Y G . 25.26 16.99 10.42
C11 A4Y G . 23.77 16.39 8.69
C12 A4Y G . 22.30 16.57 8.37
C14 A4Y G . 21.67 15.32 10.59
N15 A4Y G . 20.00 15.68 8.70
C16 A4Y G . 18.84 14.91 8.99
C18 A4Y G . 19.09 12.42 9.31
N19 A4Y G . 19.46 11.27 8.82
N22 A4Y G . 20.08 12.23 6.81
C23 A4Y G . 19.73 13.45 7.26
N24 A4Y G . 19.88 14.69 6.39
C25 A4Y G . 20.13 15.94 7.10
C27 A4Y G . 19.75 17.46 5.15
C29 A4Y G . 18.35 19.39 6.47
C30 A4Y G . 17.08 17.79 7.65
O31 A4Y G . 16.13 18.30 6.97
O32 A4Y G . 16.81 17.07 8.64
O33 A4Y G . 19.30 18.33 8.40
O34 A4Y G . 18.04 16.15 6.01
S35 A4Y G . 21.77 16.43 6.95
H101 A4Y G . 23.56 17.87 10.11
H102 A4Y G . 24.67 18.22 9.03
H213 A4Y G . 20.41 9.81 6.12
H211 A4Y G . 19.66 9.15 7.36
H212 A4Y G . 21.19 9.55 7.48
H112 A4Y G . 23.90 15.54 9.15
H111 A4Y G . 24.27 16.37 7.87
H142 A4Y G . 21.87 14.42 10.29
H143 A4Y G . 20.95 15.28 11.25
H141 A4Y G . 22.46 15.71 11.01
H161 A4Y G . 18.09 15.24 8.47
H162 A4Y G . 18.68 14.88 9.95
H181 A4Y G . 18.74 12.49 10.17
H241 A4Y G . 20.52 14.55 5.79
H273 A4Y G . 19.07 17.81 4.56
H272 A4Y G . 20.18 16.71 4.72
H271 A4Y G . 20.41 18.14 5.34
H293 A4Y G . 17.85 20.03 7.00
H291 A4Y G . 17.87 19.22 5.65
H292 A4Y G . 19.22 19.77 6.27
H331 A4Y G . 19.05 17.81 9.02
H341 A4Y G . 17.60 16.57 5.41
C PYR H . 14.97 11.42 -11.71
O PYR H . 14.39 12.48 -11.22
OXT PYR H . 16.27 11.29 -11.65
CA PYR H . 14.21 10.41 -12.30
O3 PYR H . 14.79 9.29 -12.68
CB PYR H . 12.73 10.59 -12.48
HB1 PYR H . 12.55 11.22 -13.36
HB2 PYR H . 12.32 11.08 -11.60
HB3 PYR H . 12.26 9.62 -12.62
MG MG I . -35.73 0.24 -6.98
MG MG J . -6.12 -8.66 5.10
MG MG K . -19.48 -34.98 -4.33
P PO4 L . -35.72 -2.56 16.85
O1 PO4 L . -36.12 -1.32 17.61
O2 PO4 L . -36.61 -2.73 15.65
O3 PO4 L . -35.86 -3.76 17.76
O4 PO4 L . -34.28 -2.43 16.40
C10 A4Y M . -30.36 -0.15 -5.64
C13 A4Y M . -27.86 1.70 -4.49
C17 A4Y M . -24.62 0.85 -4.49
C20 A4Y M . -23.63 -1.57 -5.06
C21 A4Y M . -23.04 -2.93 -5.42
C26 A4Y M . -26.22 2.00 -1.17
C28 A4Y M . -26.62 3.50 -1.14
O01 A4Y M . -32.39 -2.26 -5.23
P02 A4Y M . -32.88 -0.83 -5.31
O03 A4Y M . -33.78 -0.50 -4.00
P04 A4Y M . -34.87 0.71 -3.90
O05 A4Y M . -34.24 1.71 -2.99
O06 A4Y M . -35.20 1.26 -5.27
O07 A4Y M . -36.11 0.13 -3.26
O08 A4Y M . -33.74 -0.78 -6.51
O09 A4Y M . -31.63 0.25 -5.25
C11 A4Y M . -29.47 -0.45 -4.43
C12 A4Y M . -28.78 0.72 -3.73
C14 A4Y M . -27.81 1.86 -6.01
N15 A4Y M . -26.52 1.80 -3.84
C16 A4Y M . -25.19 2.18 -4.18
C18 A4Y M . -23.92 0.62 -5.69
N19 A4Y M . -23.43 -0.59 -5.93
N22 A4Y M . -24.31 -1.40 -3.93
C23 A4Y M . -24.82 -0.20 -3.64
N24 A4Y M . -25.60 0.01 -2.36
C25 A4Y M . -26.60 1.09 -2.38
C27 A4Y M . -26.77 1.29 0.07
C29 A4Y M . -27.11 3.98 0.24
C30 A4Y M . -25.41 4.42 -1.37
O31 A4Y M . -25.01 4.68 -2.53
O32 A4Y M . -24.82 4.92 -0.37
O33 A4Y M . -27.61 3.74 -2.10
O34 A4Y M . -24.82 1.97 -1.05
S35 A4Y M . -28.21 0.46 -2.32
H101 A4Y M . -30.44 -0.95 -6.18
H102 A4Y M . -29.95 0.55 -6.16
H213 A4Y M . -23.33 -3.19 -6.31
H211 A4Y M . -23.34 -3.60 -4.78
H212 A4Y M . -22.07 -2.88 -5.40
H112 A4Y M . -28.78 -1.07 -4.71
H111 A4Y M . -30.02 -0.90 -3.77
H142 A4Y M . -27.05 2.41 -6.25
H143 A4Y M . -28.63 2.28 -6.32
H141 A4Y M . -27.72 0.99 -6.42
H161 A4Y M . -24.75 2.57 -3.43
H162 A4Y M . -25.20 2.73 -4.98
H181 A4Y M . -23.76 1.31 -6.29
H241 A4Y M . -26.01 -0.75 -2.13
H273 A4Y M . -27.72 1.45 0.16
H272 A4Y M . -26.31 1.60 0.87
H271 A4Y M . -26.60 0.34 -0.03
H293 A4Y M . -27.21 4.95 0.22
H291 A4Y M . -26.47 3.75 0.93
H292 A4Y M . -27.97 3.59 0.43
H331 A4Y M . -28.17 4.29 -1.78
H341 A4Y M . -24.59 2.16 -0.26
C PYR N . -32.22 22.74 -8.84
O PYR N . -32.97 23.74 -8.46
OXT PYR N . -31.92 21.78 -8.02
CA PYR N . -31.71 22.73 -10.14
O3 PYR N . -30.51 22.22 -10.36
CB PYR N . -32.51 23.27 -11.28
HB1 PYR N . -32.28 24.34 -11.41
HB2 PYR N . -33.58 23.17 -11.06
HB3 PYR N . -32.27 22.74 -12.19
#